data_8EYN
#
_entry.id   8EYN
#
_cell.length_a   151.750
_cell.length_b   75.130
_cell.length_c   118.700
_cell.angle_alpha   90.000
_cell.angle_beta   90.000
_cell.angle_gamma   90.000
#
_symmetry.space_group_name_H-M   'P 21 21 2'
#
loop_
_entity.id
_entity.type
_entity.pdbx_description
1 polymer 'NADP-dependent malic enzyme, mitochondrial'
2 non-polymer 'CITRIC ACID'
3 water water
#
_entity_poly.entity_id   1
_entity_poly.type   'polypeptide(L)'
_entity_poly.pdbx_seq_one_letter_code
;MLKKRGYDVTRNPHLNKGMAFTLEERLQLGIHGLIPPCFLSQDVQLLRIMRYYERQQSDLDKYIILMTLQDRNEKLFYRV
LTSDVEKFMPIVYTPTVGLACQHYGLTFRRPRGLFITIHDKGHLATMLNSWPEDNIKAVVVTDGERILGLGDLGCYGMGI
PVGKLALYTACGGVNPQQCLPVLLDVGTNNEELLRDPLYIGLKHQRVHGKAYDDLLDEFMQAVTDKFGINCLIQFEDFAN
ANAFRLLNKYRNKYCMFNDDIQGTASVAVAGILAALRITKNKLSNHVFVFQGAGEAAMGIAHLLVMALEKEGVPKAEATR
KIWMVDSKGLIVKGRSHLNHEKEMFAQDHPEVNSLEEVVRLVKPTAIIGVAAIAGAFTEQILRDMASFHERPIIFALSNP
TSKAECTAEKCYRVTEGRGIFASGSPFKSVTLEDGKTFIPGQGNNAYVFPGVALGVIAGGIRHIPDEIFLLTAEQIAQEV
SEQHLSQGRLYPPLSTIRDVSLRIAIKVLDYAYKHNLASYYPEPKDKEAFVRSLVYTPDYDSFTLDSYTWPKEAMNVQTV
TRENLYFQ
;
_entity_poly.pdbx_strand_id   A,B
#
# COMPACT_ATOMS: atom_id res chain seq x y z
N LEU A 2 16.93 -1.77 10.55
CA LEU A 2 18.08 -2.45 11.14
C LEU A 2 17.72 -3.89 11.50
N LYS A 3 18.50 -4.83 10.96
CA LYS A 3 18.29 -6.24 11.26
C LYS A 3 18.49 -6.52 12.75
N LYS A 4 17.67 -7.41 13.30
CA LYS A 4 17.69 -7.67 14.73
C LYS A 4 18.95 -8.44 15.12
N ARG A 5 19.53 -8.07 16.27
CA ARG A 5 20.79 -8.63 16.70
C ARG A 5 20.81 -8.70 18.22
N GLY A 6 21.88 -9.28 18.76
CA GLY A 6 22.07 -9.34 20.19
C GLY A 6 21.12 -10.33 20.87
N TYR A 7 21.15 -10.28 22.20
CA TYR A 7 20.36 -11.19 23.02
C TYR A 7 18.89 -11.26 22.60
N ASP A 8 18.32 -10.14 22.13
CA ASP A 8 16.90 -10.14 21.79
C ASP A 8 16.53 -11.10 20.66
N VAL A 9 17.49 -11.48 19.79
CA VAL A 9 17.18 -12.43 18.71
CA VAL A 9 17.13 -12.41 18.72
C VAL A 9 16.78 -13.78 19.29
N THR A 10 17.36 -14.15 20.43
CA THR A 10 17.02 -15.44 21.02
C THR A 10 15.59 -15.45 21.53
N ARG A 11 15.01 -14.28 21.80
CA ARG A 11 13.63 -14.15 22.22
C ARG A 11 12.68 -13.80 21.07
N ASN A 12 13.21 -13.65 19.86
CA ASN A 12 12.41 -13.34 18.68
C ASN A 12 11.97 -14.65 18.04
N PRO A 13 10.69 -15.02 18.10
CA PRO A 13 10.28 -16.33 17.57
C PRO A 13 10.45 -16.44 16.06
N HIS A 14 10.44 -15.32 15.33
CA HIS A 14 10.58 -15.37 13.89
C HIS A 14 12.02 -15.62 13.45
N LEU A 15 13.00 -15.21 14.26
CA LEU A 15 14.40 -15.31 13.89
C LEU A 15 15.19 -16.31 14.72
N ASN A 16 14.74 -16.62 15.93
CA ASN A 16 15.48 -17.54 16.79
C ASN A 16 15.57 -18.92 16.16
N LYS A 17 16.79 -19.46 16.06
CA LYS A 17 17.02 -20.80 15.56
C LYS A 17 17.49 -21.76 16.65
N GLY A 18 17.68 -21.27 17.87
CA GLY A 18 18.19 -22.13 18.93
C GLY A 18 19.58 -22.64 18.58
N MET A 19 19.80 -23.93 18.81
CA MET A 19 21.09 -24.53 18.49
C MET A 19 21.32 -24.71 16.99
N ALA A 20 20.35 -24.38 16.13
CA ALA A 20 20.62 -24.36 14.69
C ALA A 20 21.43 -23.14 14.25
N PHE A 21 21.57 -22.12 15.10
CA PHE A 21 22.53 -21.04 14.82
C PHE A 21 23.93 -21.63 14.68
N THR A 22 24.59 -21.35 13.56
CA THR A 22 25.98 -21.78 13.44
C THR A 22 26.87 -20.88 14.28
N LEU A 23 28.12 -21.33 14.48
CA LEU A 23 29.06 -20.50 15.22
C LEU A 23 29.25 -19.16 14.52
N GLU A 24 29.38 -19.18 13.19
CA GLU A 24 29.52 -17.95 12.43
C GLU A 24 28.33 -17.02 12.68
N GLU A 25 27.11 -17.57 12.72
CA GLU A 25 25.94 -16.72 12.93
C GLU A 25 25.90 -16.19 14.36
N ARG A 26 26.28 -17.02 15.34
CA ARG A 26 26.28 -16.58 16.73
C ARG A 26 27.25 -15.41 16.94
N LEU A 27 28.45 -15.49 16.34
CA LEU A 27 29.41 -14.41 16.47
C LEU A 27 28.95 -13.16 15.73
N GLN A 28 28.35 -13.35 14.55
CA GLN A 28 27.86 -12.20 13.78
C GLN A 28 26.73 -11.49 14.50
N LEU A 29 25.85 -12.25 15.16
CA LEU A 29 24.73 -11.68 15.89
C LEU A 29 25.09 -11.25 17.30
N GLY A 30 26.30 -11.51 17.77
CA GLY A 30 26.71 -11.14 19.11
C GLY A 30 25.96 -11.89 20.20
N ILE A 31 25.67 -13.17 19.98
CA ILE A 31 24.95 -13.99 20.94
C ILE A 31 25.75 -15.22 21.37
N HIS A 32 26.99 -15.34 20.93
CA HIS A 32 27.77 -16.52 21.28
C HIS A 32 27.99 -16.59 22.78
N GLY A 33 27.73 -17.77 23.35
CA GLY A 33 27.68 -17.97 24.78
C GLY A 33 26.27 -18.17 25.33
N LEU A 34 25.27 -17.63 24.64
CA LEU A 34 23.90 -17.77 25.11
C LEU A 34 23.30 -19.14 24.80
N ILE A 35 23.92 -19.91 23.91
CA ILE A 35 23.37 -21.14 23.36
C ILE A 35 24.33 -22.29 23.66
N PRO A 36 23.83 -23.49 23.95
CA PRO A 36 24.75 -24.61 24.23
C PRO A 36 25.65 -24.88 23.05
N PRO A 37 26.84 -25.49 23.29
CA PRO A 37 27.90 -25.59 22.29
C PRO A 37 27.72 -26.72 21.27
N CYS A 38 26.53 -26.82 20.71
CA CYS A 38 26.22 -27.82 19.70
CA CYS A 38 26.32 -27.79 19.65
C CYS A 38 25.47 -27.13 18.57
N PHE A 39 25.72 -27.57 17.33
CA PHE A 39 25.13 -26.95 16.15
C PHE A 39 24.26 -28.00 15.45
N LEU A 40 22.95 -27.85 15.57
CA LEU A 40 22.02 -28.85 15.08
C LEU A 40 21.43 -28.44 13.75
N SER A 41 21.18 -29.42 12.88
CA SER A 41 20.36 -29.16 11.71
C SER A 41 18.89 -29.11 12.10
N GLN A 42 18.09 -28.43 11.28
CA GLN A 42 16.66 -28.39 11.55
C GLN A 42 16.06 -29.79 11.58
N ASP A 43 16.56 -30.70 10.72
CA ASP A 43 16.11 -32.10 10.77
C ASP A 43 16.30 -32.70 12.15
N VAL A 44 17.45 -32.44 12.78
CA VAL A 44 17.73 -33.00 14.10
C VAL A 44 16.86 -32.33 15.16
N GLN A 45 16.68 -31.01 15.07
CA GLN A 45 15.75 -30.33 15.96
C GLN A 45 14.35 -30.94 15.88
N LEU A 46 13.88 -31.23 14.66
CA LEU A 46 12.57 -31.84 14.49
C LEU A 46 12.52 -33.21 15.17
N LEU A 47 13.57 -34.01 15.00
CA LEU A 47 13.63 -35.32 15.65
C LEU A 47 13.57 -35.18 17.16
N ARG A 48 14.29 -34.19 17.72
CA ARG A 48 14.33 -34.02 19.16
C ARG A 48 12.95 -33.61 19.70
N ILE A 49 12.30 -32.64 19.07
CA ILE A 49 11.00 -32.20 19.58
C ILE A 49 9.96 -33.30 19.39
N MET A 50 10.07 -34.10 18.34
CA MET A 50 9.05 -35.13 18.11
C MET A 50 9.11 -36.24 19.14
N ARG A 51 10.29 -36.52 19.70
CA ARG A 51 10.37 -37.54 20.75
C ARG A 51 9.66 -37.08 22.02
N TYR A 52 9.77 -35.79 22.35
CA TYR A 52 9.00 -35.27 23.49
C TYR A 52 7.51 -35.22 23.16
N TYR A 53 7.17 -34.90 21.91
CA TYR A 53 5.77 -34.81 21.51
C TYR A 53 5.08 -36.17 21.66
N GLU A 54 5.69 -37.24 21.15
CA GLU A 54 5.05 -38.54 21.20
C GLU A 54 4.96 -39.10 22.61
N ARG A 55 5.72 -38.55 23.56
CA ARG A 55 5.63 -39.00 24.94
C ARG A 55 4.44 -38.41 25.69
N GLN A 56 3.80 -37.38 25.14
CA GLN A 56 2.63 -36.80 25.78
C GLN A 56 1.46 -37.79 25.75
N GLN A 57 0.65 -37.74 26.81
CA GLN A 57 -0.37 -38.75 27.04
C GLN A 57 -1.74 -38.39 26.45
N SER A 58 -1.93 -37.15 26.00
CA SER A 58 -3.23 -36.74 25.51
C SER A 58 -3.07 -35.68 24.43
N ASP A 59 -4.14 -35.47 23.67
CA ASP A 59 -4.13 -34.40 22.67
C ASP A 59 -3.96 -33.04 23.31
N LEU A 60 -4.52 -32.85 24.50
CA LEU A 60 -4.38 -31.58 25.21
C LEU A 60 -2.91 -31.30 25.52
N ASP A 61 -2.20 -32.31 26.06
CA ASP A 61 -0.78 -32.14 26.36
C ASP A 61 0.04 -31.94 25.10
N LYS A 62 -0.32 -32.62 24.01
CA LYS A 62 0.36 -32.37 22.75
C LYS A 62 0.15 -30.94 22.28
N TYR A 63 -1.05 -30.40 22.48
CA TYR A 63 -1.30 -29.00 22.14
C TYR A 63 -0.40 -28.06 22.94
N ILE A 64 -0.27 -28.31 24.24
CA ILE A 64 0.56 -27.47 25.10
C ILE A 64 2.02 -27.51 24.66
N ILE A 65 2.53 -28.69 24.35
CA ILE A 65 3.90 -28.81 23.87
C ILE A 65 4.09 -28.02 22.59
N LEU A 66 3.14 -28.10 21.66
CA LEU A 66 3.29 -27.35 20.42
C LEU A 66 3.21 -25.85 20.66
N MET A 67 2.43 -25.42 21.65
CA MET A 67 2.32 -24.00 21.92
C MET A 67 3.60 -23.45 22.53
N THR A 68 4.24 -24.17 23.44
CA THR A 68 5.52 -23.71 23.97
CA THR A 68 5.50 -23.65 23.95
C THR A 68 6.58 -23.67 22.88
N LEU A 69 6.47 -24.55 21.88
CA LEU A 69 7.40 -24.51 20.75
C LEU A 69 7.13 -23.27 19.89
N GLN A 70 5.86 -23.02 19.55
CA GLN A 70 5.54 -21.81 18.79
C GLN A 70 5.97 -20.56 19.54
N ASP A 71 5.92 -20.59 20.88
CA ASP A 71 6.39 -19.46 21.67
C ASP A 71 7.85 -19.12 21.35
N ARG A 72 8.70 -20.14 21.13
CA ARG A 72 10.14 -19.90 21.07
C ARG A 72 10.75 -20.00 19.67
N ASN A 73 10.20 -20.81 18.75
CA ASN A 73 10.86 -21.04 17.47
C ASN A 73 9.79 -21.30 16.41
N GLU A 74 9.41 -20.24 15.69
CA GLU A 74 8.31 -20.32 14.73
C GLU A 74 8.65 -21.23 13.56
N LYS A 75 9.88 -21.15 13.03
CA LYS A 75 10.24 -21.99 11.90
C LYS A 75 10.17 -23.47 12.25
N LEU A 76 10.71 -23.84 13.41
CA LEU A 76 10.65 -25.25 13.84
C LEU A 76 9.21 -25.68 14.10
N PHE A 77 8.40 -24.78 14.67
CA PHE A 77 6.97 -25.05 14.83
C PHE A 77 6.32 -25.43 13.51
N TYR A 78 6.58 -24.65 12.45
CA TYR A 78 5.95 -24.98 11.17
C TYR A 78 6.64 -26.12 10.46
N ARG A 79 7.91 -26.40 10.80
CA ARG A 79 8.50 -27.64 10.34
C ARG A 79 7.75 -28.84 10.91
N VAL A 80 7.38 -28.77 12.19
CA VAL A 80 6.59 -29.85 12.79
C VAL A 80 5.24 -29.97 12.10
N LEU A 81 4.53 -28.85 11.93
CA LEU A 81 3.18 -28.90 11.41
C LEU A 81 3.15 -29.42 9.97
N THR A 82 4.05 -28.94 9.12
CA THR A 82 4.07 -29.36 7.73
C THR A 82 4.68 -30.74 7.52
N SER A 83 5.34 -31.32 8.53
CA SER A 83 5.86 -32.68 8.36
C SER A 83 4.72 -33.69 8.19
N ASP A 84 3.54 -33.39 8.73
CA ASP A 84 2.36 -34.24 8.64
C ASP A 84 1.12 -33.45 9.01
N VAL A 85 0.65 -32.59 8.09
CA VAL A 85 -0.35 -31.60 8.46
C VAL A 85 -1.66 -32.29 8.89
N GLU A 86 -2.00 -33.42 8.28
CA GLU A 86 -3.22 -34.11 8.70
C GLU A 86 -3.14 -34.56 10.15
N LYS A 87 -1.93 -34.88 10.62
CA LYS A 87 -1.75 -35.33 12.00
C LYS A 87 -1.87 -34.17 12.99
N PHE A 88 -1.35 -32.99 12.64
CA PHE A 88 -1.26 -31.90 13.60
C PHE A 88 -2.41 -30.89 13.50
N MET A 89 -3.12 -30.86 12.37
CA MET A 89 -4.29 -29.99 12.26
C MET A 89 -5.29 -30.19 13.39
N PRO A 90 -5.71 -31.42 13.74
CA PRO A 90 -6.66 -31.57 14.86
C PRO A 90 -6.07 -31.21 16.21
N ILE A 91 -4.76 -31.01 16.29
CA ILE A 91 -4.11 -30.69 17.56
C ILE A 91 -4.02 -29.19 17.78
N VAL A 92 -3.55 -28.45 16.77
CA VAL A 92 -3.42 -26.99 16.90
C VAL A 92 -4.72 -26.27 16.60
N TYR A 93 -5.70 -26.95 16.01
CA TYR A 93 -7.00 -26.34 15.78
C TYR A 93 -8.12 -27.28 16.23
N THR A 94 -9.27 -27.22 15.56
CA THR A 94 -10.43 -28.03 15.93
C THR A 94 -10.10 -29.51 15.80
N PRO A 95 -10.46 -30.36 16.78
CA PRO A 95 -11.24 -30.06 18.00
C PRO A 95 -10.42 -29.76 19.26
N THR A 96 -9.10 -29.93 19.21
CA THR A 96 -8.30 -29.89 20.43
C THR A 96 -8.18 -28.48 21.00
N VAL A 97 -8.05 -27.48 20.12
CA VAL A 97 -7.74 -26.13 20.62
C VAL A 97 -8.81 -25.65 21.57
N GLY A 98 -10.08 -25.87 21.24
CA GLY A 98 -11.16 -25.42 22.11
C GLY A 98 -11.19 -26.17 23.43
N LEU A 99 -11.01 -27.49 23.38
CA LEU A 99 -10.98 -28.28 24.60
C LEU A 99 -9.81 -27.89 25.48
N ALA A 100 -8.66 -27.58 24.86
CA ALA A 100 -7.48 -27.20 25.63
C ALA A 100 -7.67 -25.87 26.33
N CYS A 101 -8.18 -24.87 25.59
CA CYS A 101 -8.39 -23.56 26.18
C CYS A 101 -9.51 -23.58 27.21
N GLN A 102 -10.52 -24.41 27.00
CA GLN A 102 -11.57 -24.56 28.00
C GLN A 102 -11.02 -25.14 29.31
N HIS A 103 -10.07 -26.06 29.21
CA HIS A 103 -9.53 -26.74 30.38
C HIS A 103 -8.41 -25.96 31.05
N TYR A 104 -7.43 -25.51 30.28
CA TYR A 104 -6.23 -24.88 30.83
C TYR A 104 -6.26 -23.36 30.76
N GLY A 105 -7.18 -22.77 30.01
CA GLY A 105 -7.11 -21.35 29.73
C GLY A 105 -6.12 -21.07 28.60
N LEU A 106 -5.45 -19.93 28.70
CA LEU A 106 -4.49 -19.50 27.69
C LEU A 106 -3.09 -19.81 28.18
N THR A 107 -2.42 -20.77 27.55
CA THR A 107 -1.11 -21.23 27.99
C THR A 107 0.04 -20.51 27.31
N PHE A 108 -0.25 -19.53 26.44
CA PHE A 108 0.81 -18.77 25.78
C PHE A 108 1.63 -18.01 26.80
N ARG A 109 2.95 -18.14 26.71
CA ARG A 109 3.85 -17.39 27.57
C ARG A 109 4.59 -16.29 26.84
N ARG A 110 4.39 -16.20 25.53
CA ARG A 110 4.73 -15.04 24.72
C ARG A 110 3.44 -14.44 24.19
N PRO A 111 3.25 -13.12 24.26
CA PRO A 111 2.00 -12.52 23.76
C PRO A 111 1.78 -12.83 22.29
N ARG A 112 0.60 -13.39 21.98
CA ARG A 112 0.30 -13.85 20.63
C ARG A 112 -0.56 -12.88 19.83
N GLY A 113 -1.24 -11.95 20.48
CA GLY A 113 -2.10 -11.02 19.79
C GLY A 113 -2.65 -9.94 20.72
N LEU A 114 -3.85 -9.44 20.42
CA LEU A 114 -4.39 -8.32 21.16
C LEU A 114 -5.73 -8.70 21.77
N PHE A 115 -5.86 -8.49 23.07
CA PHE A 115 -7.14 -8.55 23.77
C PHE A 115 -7.71 -7.15 23.80
N ILE A 116 -8.86 -6.95 23.15
CA ILE A 116 -9.52 -5.66 23.07
C ILE A 116 -10.89 -5.80 23.70
N THR A 117 -11.20 -4.97 24.70
CA THR A 117 -12.46 -5.11 25.41
C THR A 117 -13.41 -3.98 25.08
N ILE A 118 -14.69 -4.20 25.42
CA ILE A 118 -15.70 -3.16 25.27
C ILE A 118 -15.32 -1.92 26.08
N HIS A 119 -14.59 -2.10 27.18
CA HIS A 119 -14.21 -0.95 28.00
C HIS A 119 -13.11 -0.12 27.37
N ASP A 120 -12.52 -0.59 26.29
CA ASP A 120 -11.48 0.14 25.59
C ASP A 120 -12.02 0.97 24.43
N LYS A 121 -13.35 1.04 24.29
CA LYS A 121 -13.96 1.79 23.20
C LYS A 121 -13.39 3.19 23.13
N GLY A 122 -13.04 3.61 21.90
CA GLY A 122 -12.45 4.91 21.67
C GLY A 122 -10.94 4.93 21.68
N HIS A 123 -10.28 3.83 22.07
CA HIS A 123 -8.82 3.82 22.18
C HIS A 123 -8.19 2.65 21.44
N LEU A 124 -8.88 2.08 20.46
CA LEU A 124 -8.35 0.87 19.82
C LEU A 124 -7.11 1.17 19.00
N ALA A 125 -7.03 2.35 18.38
CA ALA A 125 -5.82 2.70 17.64
C ALA A 125 -4.59 2.66 18.54
N THR A 126 -4.70 3.19 19.77
CA THR A 126 -3.57 3.14 20.71
C THR A 126 -3.19 1.69 21.02
N MET A 127 -4.18 0.81 21.19
CA MET A 127 -3.88 -0.57 21.54
C MET A 127 -3.20 -1.32 20.40
N LEU A 128 -3.51 -0.99 19.14
CA LEU A 128 -2.84 -1.66 18.03
C LEU A 128 -1.34 -1.42 18.06
N ASN A 129 -0.91 -0.25 18.57
CA ASN A 129 0.50 0.08 18.65
C ASN A 129 1.25 -0.78 19.67
N SER A 130 0.54 -1.57 20.47
CA SER A 130 1.22 -2.50 21.38
C SER A 130 1.82 -3.68 20.63
N TRP A 131 1.26 -4.01 19.46
CA TRP A 131 1.76 -5.14 18.69
C TRP A 131 3.05 -4.74 17.98
N PRO A 132 4.14 -5.48 18.17
CA PRO A 132 5.44 -5.00 17.66
C PRO A 132 5.63 -5.14 16.17
N GLU A 133 4.69 -5.75 15.43
CA GLU A 133 4.82 -5.91 13.99
C GLU A 133 4.00 -4.84 13.28
N ASP A 134 4.65 -4.07 12.41
CA ASP A 134 3.98 -3.00 11.69
C ASP A 134 3.34 -3.47 10.38
N ASN A 135 3.85 -4.56 9.80
CA ASN A 135 3.41 -5.01 8.48
C ASN A 135 2.47 -6.20 8.65
N ILE A 136 1.19 -5.90 8.93
CA ILE A 136 0.17 -6.93 9.11
C ILE A 136 -0.69 -6.97 7.85
N LYS A 137 -0.91 -8.18 7.34
CA LYS A 137 -1.72 -8.37 6.14
C LYS A 137 -2.95 -9.23 6.38
N ALA A 138 -3.04 -9.93 7.50
CA ALA A 138 -4.19 -10.77 7.80
C ALA A 138 -4.48 -10.73 9.30
N VAL A 139 -5.75 -10.56 9.63
CA VAL A 139 -6.23 -10.55 11.01
C VAL A 139 -7.32 -11.59 11.12
N VAL A 140 -7.26 -12.44 12.14
CA VAL A 140 -8.38 -13.30 12.50
C VAL A 140 -8.90 -12.82 13.84
N VAL A 141 -10.21 -12.56 13.91
CA VAL A 141 -10.82 -11.97 15.09
C VAL A 141 -11.99 -12.86 15.54
N THR A 142 -12.18 -12.97 16.85
CA THR A 142 -13.34 -13.63 17.43
C THR A 142 -13.78 -12.88 18.69
N ASP A 143 -15.06 -13.00 19.03
CA ASP A 143 -15.52 -12.62 20.36
C ASP A 143 -15.75 -13.85 21.25
N GLY A 144 -15.38 -15.03 20.77
CA GLY A 144 -15.48 -16.25 21.56
C GLY A 144 -16.87 -16.72 21.88
N GLU A 145 -17.91 -16.17 21.24
CA GLU A 145 -19.27 -16.55 21.62
C GLU A 145 -19.66 -17.94 21.13
N ARG A 146 -19.18 -18.37 19.95
CA ARG A 146 -19.63 -19.63 19.36
C ARG A 146 -18.43 -20.43 18.87
N ILE A 147 -17.59 -20.86 19.80
CA ILE A 147 -16.48 -21.74 19.43
C ILE A 147 -17.06 -23.04 18.88
N LEU A 148 -16.68 -23.38 17.66
CA LEU A 148 -17.28 -24.53 16.97
C LEU A 148 -17.15 -25.79 17.82
N GLY A 149 -18.29 -26.41 18.13
CA GLY A 149 -18.34 -27.63 18.89
C GLY A 149 -18.30 -27.46 20.39
N LEU A 150 -18.24 -26.22 20.89
CA LEU A 150 -18.08 -26.00 22.33
C LEU A 150 -18.90 -24.84 22.89
N GLY A 151 -19.16 -23.78 22.12
CA GLY A 151 -19.97 -22.70 22.63
C GLY A 151 -19.17 -21.51 23.12
N ASP A 152 -19.65 -20.88 24.18
CA ASP A 152 -19.12 -19.59 24.64
C ASP A 152 -17.91 -19.82 25.55
N LEU A 153 -16.72 -19.50 25.06
CA LEU A 153 -15.49 -19.59 25.85
C LEU A 153 -14.97 -18.23 26.26
N GLY A 154 -15.71 -17.16 25.98
CA GLY A 154 -15.28 -15.83 26.35
C GLY A 154 -13.87 -15.54 25.90
N CYS A 155 -13.06 -15.06 26.83
CA CYS A 155 -11.71 -14.60 26.53
C CYS A 155 -10.75 -15.76 26.30
N TYR A 156 -11.12 -16.97 26.71
CA TYR A 156 -10.34 -18.15 26.35
C TYR A 156 -10.44 -18.46 24.87
N GLY A 157 -11.35 -17.80 24.15
CA GLY A 157 -11.45 -17.96 22.72
C GLY A 157 -10.27 -17.42 21.94
N MET A 158 -9.35 -16.70 22.58
CA MET A 158 -8.14 -16.25 21.89
C MET A 158 -7.38 -17.41 21.26
N GLY A 159 -7.48 -18.61 21.84
CA GLY A 159 -6.82 -19.76 21.26
C GLY A 159 -7.26 -20.08 19.84
N ILE A 160 -8.47 -19.67 19.45
CA ILE A 160 -9.02 -20.09 18.16
C ILE A 160 -8.38 -19.28 17.03
N PRO A 161 -8.31 -17.95 17.10
CA PRO A 161 -7.57 -17.24 16.04
C PRO A 161 -6.10 -17.61 15.99
N VAL A 162 -5.50 -17.95 17.13
CA VAL A 162 -4.11 -18.40 17.13
C VAL A 162 -3.97 -19.70 16.35
N GLY A 163 -4.85 -20.67 16.61
CA GLY A 163 -4.79 -21.92 15.90
C GLY A 163 -5.19 -21.79 14.44
N LYS A 164 -6.20 -20.96 14.16
CA LYS A 164 -6.62 -20.74 12.78
C LYS A 164 -5.48 -20.19 11.93
N LEU A 165 -4.75 -19.20 12.46
CA LEU A 165 -3.63 -18.62 11.73
C LEU A 165 -2.51 -19.63 11.52
N ALA A 166 -2.32 -20.55 12.46
CA ALA A 166 -1.36 -21.63 12.23
C ALA A 166 -1.70 -22.41 10.96
N LEU A 167 -2.99 -22.61 10.70
CA LEU A 167 -3.41 -23.30 9.49
C LEU A 167 -3.28 -22.44 8.25
N TYR A 168 -3.46 -21.12 8.37
CA TYR A 168 -3.14 -20.21 7.27
C TYR A 168 -1.74 -20.51 6.75
N THR A 169 -0.78 -20.57 7.66
CA THR A 169 0.62 -20.73 7.28
C THR A 169 0.96 -22.16 6.90
N ALA A 170 0.56 -23.13 7.72
CA ALA A 170 0.95 -24.52 7.46
C ALA A 170 0.22 -25.09 6.25
N CYS A 171 -1.04 -24.70 6.05
CA CYS A 171 -1.83 -25.26 4.97
C CYS A 171 -1.68 -24.46 3.70
N GLY A 172 -1.53 -23.14 3.83
CA GLY A 172 -1.54 -22.26 2.68
C GLY A 172 -0.20 -21.65 2.34
N GLY A 173 0.66 -21.46 3.33
CA GLY A 173 1.89 -20.74 3.10
C GLY A 173 1.84 -19.25 3.35
N VAL A 174 0.80 -18.77 4.02
CA VAL A 174 0.73 -17.36 4.39
C VAL A 174 1.82 -17.04 5.41
N ASN A 175 2.52 -15.93 5.19
CA ASN A 175 3.58 -15.48 6.08
C ASN A 175 3.06 -15.25 7.50
N PRO A 176 3.54 -16.01 8.50
CA PRO A 176 2.98 -15.89 9.85
C PRO A 176 3.30 -14.56 10.52
N GLN A 177 4.45 -13.97 10.21
CA GLN A 177 4.81 -12.69 10.80
C GLN A 177 3.82 -11.59 10.43
N GLN A 178 3.14 -11.72 9.29
CA GLN A 178 2.17 -10.72 8.84
C GLN A 178 0.75 -11.00 9.30
N CYS A 179 0.58 -11.89 10.28
CA CYS A 179 -0.71 -12.35 10.76
C CYS A 179 -0.91 -11.88 12.19
N LEU A 180 -2.14 -11.45 12.53
CA LEU A 180 -2.42 -10.97 13.88
C LEU A 180 -3.73 -11.53 14.41
N PRO A 181 -3.71 -12.34 15.47
CA PRO A 181 -4.97 -12.78 16.08
C PRO A 181 -5.48 -11.78 17.11
N VAL A 182 -6.80 -11.60 17.15
CA VAL A 182 -7.44 -10.61 18.03
C VAL A 182 -8.60 -11.28 18.75
N LEU A 183 -8.70 -11.06 20.06
CA LEU A 183 -9.85 -11.46 20.86
C LEU A 183 -10.59 -10.20 21.28
N LEU A 184 -11.86 -10.08 20.88
CA LEU A 184 -12.72 -9.00 21.33
C LEU A 184 -13.52 -9.51 22.53
N ASP A 185 -13.27 -8.94 23.70
CA ASP A 185 -13.95 -9.35 24.93
C ASP A 185 -15.05 -8.35 25.25
N VAL A 186 -16.30 -8.78 25.12
CA VAL A 186 -17.45 -7.97 25.49
C VAL A 186 -18.18 -8.58 26.67
N GLY A 187 -17.57 -9.55 27.35
CA GLY A 187 -18.22 -10.36 28.35
C GLY A 187 -18.44 -11.78 27.85
N THR A 188 -19.09 -12.57 28.70
CA THR A 188 -19.41 -13.95 28.36
C THR A 188 -20.73 -14.31 29.02
N ASN A 189 -21.52 -15.13 28.33
CA ASN A 189 -22.75 -15.66 28.90
C ASN A 189 -22.57 -17.08 29.43
N ASN A 190 -21.34 -17.58 29.43
CA ASN A 190 -21.02 -18.88 30.03
C ASN A 190 -21.06 -18.76 31.54
N GLU A 191 -22.06 -19.37 32.16
CA GLU A 191 -22.23 -19.26 33.61
C GLU A 191 -21.08 -19.89 34.37
N GLU A 192 -20.46 -20.94 33.82
CA GLU A 192 -19.33 -21.54 34.50
C GLU A 192 -18.14 -20.58 34.55
N LEU A 193 -17.93 -19.83 33.47
CA LEU A 193 -16.85 -18.85 33.46
C LEU A 193 -17.18 -17.66 34.36
N LEU A 194 -18.45 -17.25 34.42
CA LEU A 194 -18.82 -16.12 35.25
C LEU A 194 -18.65 -16.42 36.73
N ARG A 195 -18.81 -17.67 37.14
CA ARG A 195 -18.67 -18.08 38.53
C ARG A 195 -17.29 -18.66 38.84
N ASP A 196 -16.39 -18.71 37.86
CA ASP A 196 -15.06 -19.28 38.04
C ASP A 196 -14.14 -18.21 38.60
N PRO A 197 -13.65 -18.34 39.83
CA PRO A 197 -12.74 -17.31 40.36
C PRO A 197 -11.44 -17.19 39.58
N LEU A 198 -11.07 -18.20 38.78
CA LEU A 198 -9.83 -18.18 38.02
C LEU A 198 -10.02 -17.71 36.58
N TYR A 199 -11.24 -17.39 36.16
CA TYR A 199 -11.46 -16.85 34.82
C TYR A 199 -10.83 -15.46 34.71
N ILE A 200 -10.16 -15.22 33.58
CA ILE A 200 -9.38 -13.98 33.41
C ILE A 200 -9.99 -13.06 32.36
N GLY A 201 -11.20 -13.34 31.90
CA GLY A 201 -11.90 -12.45 31.00
C GLY A 201 -12.78 -11.47 31.75
N LEU A 202 -13.55 -10.70 30.99
CA LEU A 202 -14.52 -9.80 31.58
C LEU A 202 -15.60 -10.59 32.31
N LYS A 203 -15.84 -10.26 33.58
CA LYS A 203 -16.76 -11.03 34.41
C LYS A 203 -18.16 -10.39 34.43
N HIS A 204 -18.76 -10.33 33.26
CA HIS A 204 -20.15 -9.88 33.14
C HIS A 204 -20.72 -10.45 31.86
N GLN A 205 -22.04 -10.44 31.74
CA GLN A 205 -22.69 -10.99 30.57
C GLN A 205 -22.30 -10.17 29.32
N ARG A 206 -22.59 -10.74 28.15
CA ARG A 206 -22.12 -10.14 26.90
C ARG A 206 -22.84 -8.83 26.63
N VAL A 207 -22.07 -7.79 26.34
CA VAL A 207 -22.62 -6.51 25.90
C VAL A 207 -23.10 -6.66 24.46
N HIS A 208 -24.33 -6.21 24.21
CA HIS A 208 -24.95 -6.31 22.90
C HIS A 208 -25.60 -4.97 22.57
N GLY A 209 -26.08 -4.86 21.33
CA GLY A 209 -26.71 -3.62 20.91
C GLY A 209 -25.73 -2.67 20.24
N LYS A 210 -26.04 -1.38 20.27
CA LYS A 210 -25.25 -0.41 19.52
C LYS A 210 -23.82 -0.30 20.03
N ALA A 211 -23.60 -0.41 21.34
CA ALA A 211 -22.24 -0.35 21.86
C ALA A 211 -21.37 -1.47 21.31
N TYR A 212 -21.95 -2.67 21.15
CA TYR A 212 -21.20 -3.76 20.54
C TYR A 212 -20.88 -3.44 19.09
N ASP A 213 -21.89 -2.98 18.33
CA ASP A 213 -21.67 -2.66 16.92
C ASP A 213 -20.67 -1.53 16.75
N ASP A 214 -20.72 -0.52 17.64
CA ASP A 214 -19.77 0.58 17.57
C ASP A 214 -18.34 0.11 17.80
N LEU A 215 -18.16 -0.84 18.73
CA LEU A 215 -16.82 -1.38 18.97
C LEU A 215 -16.29 -2.10 17.74
N LEU A 216 -17.14 -2.91 17.10
CA LEU A 216 -16.72 -3.62 15.90
C LEU A 216 -16.41 -2.65 14.76
N ASP A 217 -17.24 -1.61 14.61
CA ASP A 217 -16.96 -0.56 13.63
C ASP A 217 -15.59 0.07 13.88
N GLU A 218 -15.31 0.42 15.14
CA GLU A 218 -14.02 1.04 15.47
C GLU A 218 -12.86 0.07 15.22
N PHE A 219 -13.08 -1.22 15.51
CA PHE A 219 -12.04 -2.22 15.25
C PHE A 219 -11.68 -2.26 13.78
N MET A 220 -12.69 -2.34 12.91
CA MET A 220 -12.43 -2.40 11.47
C MET A 220 -11.73 -1.13 10.99
N GLN A 221 -12.17 0.03 11.49
CA GLN A 221 -11.53 1.29 11.11
C GLN A 221 -10.09 1.36 11.60
N ALA A 222 -9.84 0.98 12.86
CA ALA A 222 -8.50 1.10 13.40
C ALA A 222 -7.52 0.14 12.72
N VAL A 223 -7.94 -1.09 12.49
CA VAL A 223 -7.06 -2.05 11.82
C VAL A 223 -6.68 -1.54 10.44
N THR A 224 -7.66 -1.08 9.67
CA THR A 224 -7.35 -0.62 8.31
C THR A 224 -6.67 0.74 8.29
N ASP A 225 -6.93 1.60 9.29
CA ASP A 225 -6.19 2.85 9.38
C ASP A 225 -4.69 2.59 9.55
N LYS A 226 -4.33 1.60 10.35
CA LYS A 226 -2.93 1.35 10.66
C LYS A 226 -2.25 0.46 9.62
N PHE A 227 -2.91 -0.61 9.21
CA PHE A 227 -2.28 -1.61 8.36
C PHE A 227 -2.68 -1.51 6.89
N GLY A 228 -3.64 -0.66 6.56
CA GLY A 228 -4.06 -0.51 5.19
C GLY A 228 -5.42 -1.15 4.93
N ILE A 229 -6.17 -0.56 4.00
CA ILE A 229 -7.50 -1.06 3.66
C ILE A 229 -7.45 -2.44 3.02
N ASN A 230 -6.28 -2.86 2.51
CA ASN A 230 -6.15 -4.18 1.90
C ASN A 230 -6.00 -5.29 2.93
N CYS A 231 -5.88 -4.95 4.21
CA CYS A 231 -5.64 -5.97 5.23
C CYS A 231 -6.82 -6.94 5.31
N LEU A 232 -6.52 -8.23 5.19
CA LEU A 232 -7.58 -9.23 5.28
C LEU A 232 -8.03 -9.38 6.73
N ILE A 233 -9.34 -9.37 6.96
CA ILE A 233 -9.91 -9.50 8.28
C ILE A 233 -10.93 -10.63 8.23
N GLN A 234 -10.63 -11.74 8.91
CA GLN A 234 -11.48 -12.92 8.89
C GLN A 234 -12.16 -13.08 10.24
N PHE A 235 -13.49 -13.18 10.24
CA PHE A 235 -14.28 -13.37 11.44
C PHE A 235 -14.47 -14.85 11.70
N GLU A 236 -14.33 -15.25 12.96
CA GLU A 236 -14.33 -16.65 13.33
C GLU A 236 -15.12 -16.83 14.62
N ASP A 237 -16.02 -17.81 14.62
CA ASP A 237 -16.69 -18.27 15.83
C ASP A 237 -17.48 -17.17 16.53
N PHE A 238 -18.10 -16.31 15.73
CA PHE A 238 -19.14 -15.42 16.23
C PHE A 238 -20.46 -16.17 16.30
N ALA A 239 -21.37 -15.68 17.14
CA ALA A 239 -22.72 -16.22 17.16
C ALA A 239 -23.40 -16.00 15.81
N ASN A 240 -24.35 -16.87 15.51
CA ASN A 240 -24.85 -17.00 14.14
C ASN A 240 -25.50 -15.71 13.65
N ALA A 241 -26.36 -15.11 14.46
CA ALA A 241 -27.00 -13.86 14.06
C ALA A 241 -25.97 -12.75 13.84
N ASN A 242 -25.02 -12.61 14.77
CA ASN A 242 -24.00 -11.58 14.63
C ASN A 242 -23.14 -11.81 13.40
N ALA A 243 -22.76 -13.07 13.16
CA ALA A 243 -21.84 -13.37 12.06
C ALA A 243 -22.42 -12.90 10.73
N PHE A 244 -23.67 -13.24 10.46
CA PHE A 244 -24.31 -12.84 9.21
C PHE A 244 -24.47 -11.33 9.14
N ARG A 245 -24.88 -10.69 10.23
CA ARG A 245 -25.09 -9.25 10.22
C ARG A 245 -23.79 -8.50 10.00
N LEU A 246 -22.71 -8.92 10.67
CA LEU A 246 -21.41 -8.27 10.48
C LEU A 246 -20.86 -8.52 9.08
N LEU A 247 -21.08 -9.72 8.53
CA LEU A 247 -20.62 -10.01 7.17
C LEU A 247 -21.28 -9.08 6.16
N ASN A 248 -22.61 -8.91 6.27
CA ASN A 248 -23.29 -8.04 5.32
C ASN A 248 -22.86 -6.59 5.49
N LYS A 249 -22.52 -6.20 6.71
CA LYS A 249 -22.12 -4.82 6.98
C LYS A 249 -20.73 -4.50 6.44
N TYR A 250 -19.81 -5.47 6.43
CA TYR A 250 -18.40 -5.19 6.19
C TYR A 250 -17.86 -5.71 4.87
N ARG A 251 -18.53 -6.67 4.23
CA ARG A 251 -17.87 -7.40 3.14
C ARG A 251 -17.62 -6.53 1.91
N ASN A 252 -18.41 -5.47 1.72
CA ASN A 252 -18.21 -4.56 0.60
C ASN A 252 -17.46 -3.30 1.00
N LYS A 253 -17.18 -3.11 2.28
CA LYS A 253 -16.42 -1.96 2.75
C LYS A 253 -14.97 -2.32 3.08
N TYR A 254 -14.73 -3.56 3.49
CA TYR A 254 -13.42 -4.03 3.91
C TYR A 254 -13.09 -5.32 3.18
N CYS A 255 -11.84 -5.77 3.34
CA CYS A 255 -11.40 -7.05 2.79
C CYS A 255 -11.71 -8.07 3.87
N MET A 256 -12.89 -8.67 3.79
CA MET A 256 -13.43 -9.35 4.95
C MET A 256 -14.23 -10.56 4.51
N PHE A 257 -14.17 -11.62 5.31
CA PHE A 257 -15.07 -12.75 5.13
C PHE A 257 -15.22 -13.47 6.45
N ASN A 258 -16.23 -14.32 6.52
CA ASN A 258 -16.54 -15.13 7.68
C ASN A 258 -16.42 -16.59 7.27
N ASP A 259 -15.45 -17.31 7.85
CA ASP A 259 -15.19 -18.66 7.39
C ASP A 259 -16.28 -19.63 7.79
N ASP A 260 -16.92 -19.40 8.94
CA ASP A 260 -17.97 -20.29 9.41
C ASP A 260 -19.16 -20.29 8.48
N ILE A 261 -19.40 -19.18 7.78
CA ILE A 261 -20.50 -19.07 6.82
C ILE A 261 -20.02 -19.39 5.42
N GLN A 262 -19.03 -18.65 4.94
CA GLN A 262 -18.65 -18.74 3.53
C GLN A 262 -17.67 -19.87 3.25
N GLY A 263 -16.75 -20.13 4.17
CA GLY A 263 -15.86 -21.26 4.01
C GLY A 263 -16.59 -22.58 4.09
N THR A 264 -17.50 -22.70 5.07
CA THR A 264 -18.33 -23.89 5.16
C THR A 264 -19.18 -24.08 3.91
N ALA A 265 -19.79 -22.99 3.43
CA ALA A 265 -20.59 -23.07 2.21
C ALA A 265 -19.75 -23.61 1.07
N SER A 266 -18.52 -23.12 0.92
CA SER A 266 -17.72 -23.48 -0.24
C SER A 266 -17.27 -24.94 -0.16
N VAL A 267 -16.92 -25.42 1.02
CA VAL A 267 -16.48 -26.81 1.12
C VAL A 267 -17.67 -27.76 0.99
N ALA A 268 -18.85 -27.36 1.46
CA ALA A 268 -20.02 -28.20 1.28
C ALA A 268 -20.39 -28.29 -0.20
N VAL A 269 -20.43 -27.15 -0.89
CA VAL A 269 -20.71 -27.16 -2.32
C VAL A 269 -19.63 -27.94 -3.07
N ALA A 270 -18.38 -27.83 -2.63
CA ALA A 270 -17.32 -28.64 -3.24
C ALA A 270 -17.63 -30.14 -3.14
N GLY A 271 -18.16 -30.57 -2.00
CA GLY A 271 -18.51 -31.98 -1.86
C GLY A 271 -19.67 -32.38 -2.76
N ILE A 272 -20.67 -31.51 -2.89
CA ILE A 272 -21.79 -31.78 -3.78
C ILE A 272 -21.31 -31.89 -5.22
N LEU A 273 -20.47 -30.96 -5.66
CA LEU A 273 -19.98 -30.98 -7.03
C LEU A 273 -19.16 -32.24 -7.30
N ALA A 274 -18.37 -32.68 -6.32
CA ALA A 274 -17.65 -33.93 -6.47
C ALA A 274 -18.60 -35.12 -6.55
N ALA A 275 -19.70 -35.08 -5.77
CA ALA A 275 -20.66 -36.17 -5.84
C ALA A 275 -21.29 -36.26 -7.22
N LEU A 276 -21.40 -35.13 -7.93
CA LEU A 276 -21.94 -35.16 -9.29
C LEU A 276 -21.09 -36.02 -10.21
N ARG A 277 -19.79 -36.12 -9.94
CA ARG A 277 -18.92 -37.00 -10.72
C ARG A 277 -19.24 -38.46 -10.49
N ILE A 278 -19.95 -38.79 -9.41
CA ILE A 278 -20.40 -40.15 -9.13
C ILE A 278 -21.82 -40.38 -9.63
N THR A 279 -22.74 -39.48 -9.27
CA THR A 279 -24.11 -39.60 -9.75
C THR A 279 -24.23 -39.37 -11.25
N LYS A 280 -23.25 -38.67 -11.84
CA LYS A 280 -23.19 -38.43 -13.28
C LYS A 280 -24.49 -37.79 -13.78
N ASN A 281 -24.97 -36.80 -13.03
CA ASN A 281 -26.04 -35.94 -13.52
C ASN A 281 -25.66 -34.49 -13.23
N LYS A 282 -26.59 -33.57 -13.46
CA LYS A 282 -26.34 -32.16 -13.29
C LYS A 282 -26.91 -31.65 -11.97
N LEU A 283 -26.40 -30.51 -11.53
CA LEU A 283 -26.87 -29.92 -10.29
C LEU A 283 -28.37 -29.61 -10.35
N SER A 284 -28.89 -29.27 -11.53
CA SER A 284 -30.31 -28.96 -11.67
C SER A 284 -31.20 -30.20 -11.54
N ASN A 285 -30.63 -31.40 -11.57
CA ASN A 285 -31.40 -32.63 -11.38
C ASN A 285 -31.60 -32.97 -9.92
N HIS A 286 -31.11 -32.16 -9.00
CA HIS A 286 -31.08 -32.50 -7.59
C HIS A 286 -32.12 -31.72 -6.79
N VAL A 287 -32.53 -32.31 -5.67
CA VAL A 287 -33.46 -31.69 -4.71
C VAL A 287 -32.83 -31.82 -3.33
N PHE A 288 -32.64 -30.68 -2.65
CA PHE A 288 -31.90 -30.63 -1.41
C PHE A 288 -32.83 -30.44 -0.23
N VAL A 289 -32.62 -31.23 0.82
CA VAL A 289 -33.31 -31.05 2.09
C VAL A 289 -32.24 -30.74 3.13
N PHE A 290 -32.41 -29.62 3.83
CA PHE A 290 -31.46 -29.15 4.83
C PHE A 290 -32.01 -29.46 6.21
N GLN A 291 -31.25 -30.24 6.99
CA GLN A 291 -31.55 -30.44 8.41
C GLN A 291 -30.90 -29.29 9.16
N GLY A 292 -31.71 -28.31 9.54
CA GLY A 292 -31.18 -27.09 10.11
C GLY A 292 -31.38 -25.92 9.18
N ALA A 293 -31.88 -24.81 9.72
CA ALA A 293 -32.08 -23.60 8.94
C ALA A 293 -31.26 -22.44 9.50
N GLY A 294 -30.17 -22.72 10.19
CA GLY A 294 -29.29 -21.70 10.67
C GLY A 294 -28.55 -21.01 9.53
N GLU A 295 -27.63 -20.13 9.91
CA GLU A 295 -26.93 -19.33 8.91
C GLU A 295 -25.85 -20.11 8.17
N ALA A 296 -25.30 -21.17 8.78
CA ALA A 296 -24.41 -22.04 8.02
C ALA A 296 -25.17 -22.80 6.94
N ALA A 297 -26.39 -23.22 7.25
CA ALA A 297 -27.26 -23.79 6.22
C ALA A 297 -27.64 -22.75 5.18
N MET A 298 -27.88 -21.51 5.62
CA MET A 298 -28.18 -20.44 4.66
C MET A 298 -27.00 -20.16 3.75
N GLY A 299 -25.79 -20.17 4.32
CA GLY A 299 -24.60 -20.01 3.52
C GLY A 299 -24.49 -21.07 2.43
N ILE A 300 -24.69 -22.33 2.79
CA ILE A 300 -24.64 -23.41 1.80
C ILE A 300 -25.73 -23.22 0.77
N ALA A 301 -26.96 -22.91 1.23
CA ALA A 301 -28.10 -22.79 0.33
C ALA A 301 -27.89 -21.66 -0.68
N HIS A 302 -27.39 -20.51 -0.22
CA HIS A 302 -27.17 -19.39 -1.13
C HIS A 302 -26.11 -19.71 -2.17
N LEU A 303 -25.04 -20.39 -1.76
CA LEU A 303 -24.01 -20.75 -2.73
C LEU A 303 -24.50 -21.80 -3.72
N LEU A 304 -25.37 -22.70 -3.28
CA LEU A 304 -26.00 -23.67 -4.19
C LEU A 304 -26.83 -22.97 -5.24
N VAL A 305 -27.64 -21.98 -4.84
CA VAL A 305 -28.46 -21.23 -5.79
C VAL A 305 -27.56 -20.53 -6.81
N MET A 306 -26.43 -19.98 -6.35
CA MET A 306 -25.50 -19.34 -7.28
C MET A 306 -24.94 -20.35 -8.27
N ALA A 307 -24.59 -21.55 -7.81
CA ALA A 307 -24.09 -22.58 -8.71
C ALA A 307 -25.18 -23.05 -9.66
N LEU A 308 -26.43 -23.09 -9.21
CA LEU A 308 -27.54 -23.45 -10.09
C LEU A 308 -27.76 -22.38 -11.16
N GLU A 309 -27.69 -21.10 -10.78
CA GLU A 309 -27.83 -20.04 -11.77
C GLU A 309 -26.72 -20.11 -12.81
N LYS A 310 -25.50 -20.42 -12.37
CA LYS A 310 -24.39 -20.59 -13.32
C LYS A 310 -24.68 -21.67 -14.34
N GLU A 311 -25.37 -22.74 -13.92
CA GLU A 311 -25.79 -23.78 -14.85
C GLU A 311 -26.89 -23.31 -15.79
N GLY A 312 -27.48 -22.14 -15.54
CA GLY A 312 -28.56 -21.62 -16.36
C GLY A 312 -29.94 -21.71 -15.75
N VAL A 313 -30.05 -22.13 -14.51
CA VAL A 313 -31.37 -22.24 -13.86
C VAL A 313 -31.80 -20.85 -13.40
N PRO A 314 -33.02 -20.41 -13.72
CA PRO A 314 -33.52 -19.15 -13.16
C PRO A 314 -33.54 -19.19 -11.64
N LYS A 315 -33.31 -18.02 -11.04
CA LYS A 315 -33.10 -17.95 -9.60
C LYS A 315 -34.30 -18.50 -8.82
N ALA A 316 -35.53 -18.14 -9.24
CA ALA A 316 -36.70 -18.65 -8.54
C ALA A 316 -36.81 -20.16 -8.65
N GLU A 317 -36.54 -20.70 -9.85
CA GLU A 317 -36.54 -22.15 -10.02
C GLU A 317 -35.44 -22.80 -9.19
N ALA A 318 -34.27 -22.18 -9.13
CA ALA A 318 -33.17 -22.74 -8.34
C ALA A 318 -33.50 -22.78 -6.86
N THR A 319 -34.10 -21.70 -6.34
CA THR A 319 -34.43 -21.62 -4.92
C THR A 319 -35.46 -22.68 -4.53
N ARG A 320 -36.40 -23.00 -5.42
CA ARG A 320 -37.43 -23.98 -5.10
C ARG A 320 -36.89 -25.40 -5.05
N LYS A 321 -35.64 -25.62 -5.43
CA LYS A 321 -35.01 -26.93 -5.26
C LYS A 321 -34.51 -27.15 -3.84
N ILE A 322 -34.65 -26.17 -2.96
CA ILE A 322 -34.09 -26.22 -1.61
C ILE A 322 -35.22 -26.24 -0.60
N TRP A 323 -35.19 -27.24 0.29
CA TRP A 323 -36.16 -27.39 1.36
C TRP A 323 -35.40 -27.41 2.68
N MET A 324 -35.82 -26.56 3.62
CA MET A 324 -35.10 -26.39 4.88
C MET A 324 -36.00 -26.75 6.05
N VAL A 325 -35.41 -27.40 7.05
CA VAL A 325 -36.13 -27.87 8.23
C VAL A 325 -35.43 -27.32 9.46
N ASP A 326 -36.14 -26.51 10.25
CA ASP A 326 -35.58 -25.97 11.48
C ASP A 326 -36.15 -26.73 12.67
N SER A 327 -36.01 -26.16 13.88
CA SER A 327 -36.50 -26.82 15.07
C SER A 327 -38.02 -26.96 15.08
N LYS A 328 -38.74 -26.16 14.29
CA LYS A 328 -40.19 -26.22 14.27
C LYS A 328 -40.75 -27.10 13.16
N GLY A 329 -39.93 -27.46 12.17
CA GLY A 329 -40.38 -28.30 11.08
C GLY A 329 -40.01 -27.71 9.75
N LEU A 330 -40.71 -28.15 8.71
CA LEU A 330 -40.44 -27.64 7.37
C LEU A 330 -40.80 -26.16 7.28
N ILE A 331 -39.94 -25.40 6.62
CA ILE A 331 -40.17 -23.96 6.44
C ILE A 331 -41.09 -23.79 5.24
N VAL A 332 -42.35 -23.45 5.49
CA VAL A 332 -43.35 -23.32 4.45
C VAL A 332 -43.93 -21.92 4.49
N LYS A 333 -44.63 -21.56 3.41
CA LYS A 333 -45.28 -20.27 3.34
C LYS A 333 -46.43 -20.21 4.34
N GLY A 334 -46.56 -19.07 5.00
CA GLY A 334 -47.61 -18.85 5.96
C GLY A 334 -47.34 -19.41 7.35
N ARG A 335 -46.28 -20.19 7.52
CA ARG A 335 -45.95 -20.75 8.82
C ARG A 335 -45.51 -19.66 9.78
N SER A 336 -45.87 -19.83 11.05
CA SER A 336 -45.38 -18.94 12.09
C SER A 336 -43.94 -19.30 12.45
N HIS A 337 -43.32 -18.46 13.28
CA HIS A 337 -41.96 -18.68 13.78
C HIS A 337 -40.94 -18.75 12.65
N LEU A 338 -41.15 -17.95 11.61
CA LEU A 338 -40.16 -17.78 10.56
C LEU A 338 -39.32 -16.55 10.87
N ASN A 339 -38.46 -16.17 9.93
CA ASN A 339 -37.72 -14.92 10.00
C ASN A 339 -37.43 -14.45 8.58
N HIS A 340 -36.73 -13.32 8.48
CA HIS A 340 -36.49 -12.71 7.18
C HIS A 340 -35.71 -13.63 6.24
N GLU A 341 -34.66 -14.27 6.74
CA GLU A 341 -33.87 -15.16 5.88
C GLU A 341 -34.57 -16.47 5.60
N LYS A 342 -35.34 -16.98 6.57
CA LYS A 342 -36.03 -18.25 6.35
C LYS A 342 -37.16 -18.12 5.33
N GLU A 343 -37.84 -16.98 5.29
CA GLU A 343 -38.96 -16.83 4.36
C GLU A 343 -38.50 -16.86 2.91
N MET A 344 -37.20 -16.65 2.64
CA MET A 344 -36.68 -16.74 1.29
C MET A 344 -36.74 -18.16 0.74
N PHE A 345 -36.69 -19.17 1.62
CA PHE A 345 -36.71 -20.56 1.20
C PHE A 345 -38.02 -21.25 1.58
N ALA A 346 -39.06 -20.47 1.89
CA ALA A 346 -40.34 -21.07 2.24
C ALA A 346 -40.98 -21.69 1.00
N GLN A 347 -41.49 -22.90 1.15
CA GLN A 347 -42.14 -23.61 0.06
C GLN A 347 -43.65 -23.51 0.20
N ASP A 348 -44.35 -23.39 -0.95
CA ASP A 348 -45.79 -23.51 -0.95
C ASP A 348 -46.18 -24.96 -0.68
N HIS A 349 -46.34 -25.30 0.60
CA HIS A 349 -46.52 -26.68 1.01
C HIS A 349 -47.21 -26.68 2.37
N PRO A 350 -48.04 -27.69 2.65
CA PRO A 350 -48.60 -27.81 4.01
C PRO A 350 -47.48 -27.98 5.04
N GLU A 351 -47.81 -27.68 6.29
CA GLU A 351 -46.83 -27.78 7.36
C GLU A 351 -46.47 -29.24 7.63
N VAL A 352 -45.17 -29.48 7.84
CA VAL A 352 -44.65 -30.81 8.16
C VAL A 352 -43.76 -30.69 9.39
N ASN A 353 -43.99 -31.54 10.38
CA ASN A 353 -43.37 -31.39 11.69
C ASN A 353 -41.99 -32.03 11.79
N SER A 354 -41.77 -33.18 11.15
CA SER A 354 -40.56 -33.96 11.33
C SER A 354 -39.73 -34.00 10.05
N LEU A 355 -38.42 -34.13 10.23
CA LEU A 355 -37.54 -34.34 9.08
C LEU A 355 -37.85 -35.63 8.36
N GLU A 356 -38.24 -36.68 9.11
CA GLU A 356 -38.55 -37.96 8.48
C GLU A 356 -39.69 -37.83 7.49
N GLU A 357 -40.70 -37.03 7.82
CA GLU A 357 -41.83 -36.89 6.91
C GLU A 357 -41.48 -36.00 5.73
N VAL A 358 -40.64 -34.98 5.95
CA VAL A 358 -40.17 -34.15 4.84
C VAL A 358 -39.44 -35.01 3.80
N VAL A 359 -38.60 -35.93 4.26
CA VAL A 359 -37.83 -36.77 3.35
C VAL A 359 -38.75 -37.65 2.52
N ARG A 360 -39.83 -38.16 3.14
CA ARG A 360 -40.74 -39.04 2.43
C ARG A 360 -41.58 -38.29 1.42
N LEU A 361 -41.99 -37.06 1.76
CA LEU A 361 -42.83 -36.28 0.85
C LEU A 361 -42.02 -35.62 -0.26
N VAL A 362 -40.80 -35.18 0.02
CA VAL A 362 -40.02 -34.45 -0.97
C VAL A 362 -39.14 -35.37 -1.81
N LYS A 363 -38.74 -36.51 -1.27
CA LYS A 363 -37.84 -37.45 -1.93
C LYS A 363 -36.56 -36.76 -2.44
N PRO A 364 -35.80 -36.12 -1.54
CA PRO A 364 -34.63 -35.39 -2.00
C PRO A 364 -33.54 -36.32 -2.51
N THR A 365 -32.75 -35.80 -3.45
CA THR A 365 -31.56 -36.51 -3.89
C THR A 365 -30.38 -36.30 -2.94
N ALA A 366 -30.44 -35.26 -2.11
CA ALA A 366 -29.36 -34.95 -1.20
C ALA A 366 -29.93 -34.37 0.09
N ILE A 367 -29.41 -34.82 1.22
CA ILE A 367 -29.75 -34.29 2.53
CA ILE A 367 -29.76 -34.28 2.52
C ILE A 367 -28.48 -33.76 3.18
N ILE A 368 -28.58 -32.57 3.78
CA ILE A 368 -27.43 -31.89 4.37
C ILE A 368 -27.81 -31.50 5.80
N GLY A 369 -27.08 -32.03 6.77
CA GLY A 369 -27.34 -31.75 8.18
C GLY A 369 -26.26 -30.85 8.76
N VAL A 370 -26.71 -29.75 9.37
CA VAL A 370 -25.82 -28.80 10.02
C VAL A 370 -26.43 -28.33 11.34
N ALA A 371 -27.54 -28.95 11.75
CA ALA A 371 -28.30 -28.51 12.92
C ALA A 371 -27.75 -29.04 14.24
N ALA A 372 -26.70 -29.87 14.21
CA ALA A 372 -26.08 -30.41 15.42
C ALA A 372 -27.08 -31.18 16.29
N ILE A 373 -27.96 -31.95 15.64
CA ILE A 373 -28.90 -32.83 16.33
C ILE A 373 -28.43 -34.25 16.09
N ALA A 374 -27.98 -34.92 17.15
CA ALA A 374 -27.40 -36.24 17.03
C ALA A 374 -28.44 -37.25 16.58
N GLY A 375 -28.04 -38.10 15.62
CA GLY A 375 -28.93 -39.15 15.15
C GLY A 375 -30.09 -38.66 14.31
N ALA A 376 -30.02 -37.44 13.79
CA ALA A 376 -31.15 -36.91 13.02
C ALA A 376 -31.39 -37.70 11.75
N PHE A 377 -30.34 -38.24 11.14
CA PHE A 377 -30.48 -39.09 9.97
C PHE A 377 -30.76 -40.50 10.45
N THR A 378 -32.05 -40.80 10.64
CA THR A 378 -32.48 -42.06 11.19
C THR A 378 -32.37 -43.17 10.14
N GLU A 379 -32.54 -44.42 10.59
CA GLU A 379 -32.53 -45.53 9.66
C GLU A 379 -33.64 -45.39 8.62
N GLN A 380 -34.81 -44.92 9.03
CA GLN A 380 -35.90 -44.72 8.09
C GLN A 380 -35.53 -43.70 7.02
N ILE A 381 -34.91 -42.59 7.42
CA ILE A 381 -34.48 -41.57 6.46
C ILE A 381 -33.49 -42.17 5.48
N LEU A 382 -32.50 -42.91 5.98
CA LEU A 382 -31.49 -43.47 5.10
C LEU A 382 -32.09 -44.54 4.19
N ARG A 383 -32.96 -45.39 4.73
CA ARG A 383 -33.61 -46.40 3.91
C ARG A 383 -34.44 -45.75 2.80
N ASP A 384 -35.18 -44.68 3.14
CA ASP A 384 -35.99 -44.00 2.13
C ASP A 384 -35.13 -43.39 1.03
N MET A 385 -34.02 -42.74 1.41
CA MET A 385 -33.15 -42.13 0.41
C MET A 385 -32.60 -43.17 -0.55
N ALA A 386 -32.23 -44.35 -0.03
CA ALA A 386 -31.67 -45.39 -0.88
C ALA A 386 -32.71 -45.99 -1.82
N SER A 387 -33.98 -45.94 -1.43
CA SER A 387 -35.05 -46.44 -2.29
C SER A 387 -35.57 -45.39 -3.28
N PHE A 388 -35.37 -44.10 -2.99
CA PHE A 388 -35.81 -43.07 -3.92
C PHE A 388 -34.83 -42.87 -5.06
N HIS A 389 -33.53 -43.03 -4.81
CA HIS A 389 -32.52 -42.74 -5.81
C HIS A 389 -31.41 -43.79 -5.70
N GLU A 390 -30.71 -43.99 -6.81
CA GLU A 390 -29.67 -45.00 -6.87
C GLU A 390 -28.49 -44.63 -5.96
N ARG A 391 -28.05 -43.37 -6.00
CA ARG A 391 -26.91 -42.91 -5.20
C ARG A 391 -27.30 -41.63 -4.47
N PRO A 392 -28.01 -41.75 -3.35
CA PRO A 392 -28.35 -40.56 -2.56
C PRO A 392 -27.12 -39.97 -1.89
N ILE A 393 -27.16 -38.65 -1.71
CA ILE A 393 -26.08 -37.90 -1.09
C ILE A 393 -26.46 -37.62 0.37
N ILE A 394 -25.59 -38.02 1.30
CA ILE A 394 -25.84 -37.98 2.74
C ILE A 394 -24.71 -37.18 3.37
N PHE A 395 -24.97 -35.92 3.72
CA PHE A 395 -23.96 -35.03 4.26
C PHE A 395 -24.28 -34.74 5.72
N ALA A 396 -23.56 -35.41 6.62
CA ALA A 396 -23.74 -35.21 8.06
C ALA A 396 -22.60 -34.31 8.54
N LEU A 397 -22.80 -33.00 8.38
CA LEU A 397 -21.73 -32.03 8.53
C LEU A 397 -21.64 -31.43 9.94
N SER A 398 -22.57 -31.77 10.82
CA SER A 398 -22.60 -31.14 12.14
C SER A 398 -21.40 -31.54 12.98
N ASN A 399 -20.96 -30.62 13.83
CA ASN A 399 -19.87 -30.79 14.78
C ASN A 399 -20.37 -30.56 16.19
N PRO A 400 -19.78 -31.23 17.20
CA PRO A 400 -18.69 -32.20 17.08
C PRO A 400 -19.16 -33.58 16.60
N THR A 401 -18.28 -34.57 16.69
CA THR A 401 -18.61 -35.92 16.21
C THR A 401 -19.81 -36.50 16.93
N SER A 402 -19.94 -36.21 18.24
CA SER A 402 -21.02 -36.77 19.04
C SER A 402 -22.38 -36.24 18.61
N LYS A 403 -22.44 -35.13 17.88
CA LYS A 403 -23.71 -34.56 17.44
C LYS A 403 -23.90 -34.66 15.94
N ALA A 404 -23.15 -35.55 15.28
CA ALA A 404 -23.36 -35.79 13.86
C ALA A 404 -24.72 -36.40 13.59
N GLU A 405 -25.27 -36.10 12.41
CA GLU A 405 -26.60 -36.60 12.06
C GLU A 405 -26.62 -38.12 11.98
N CYS A 406 -25.54 -38.73 11.49
CA CYS A 406 -25.38 -40.17 11.52
C CYS A 406 -23.91 -40.49 11.31
N THR A 407 -23.52 -41.72 11.65
CA THR A 407 -22.16 -42.15 11.42
C THR A 407 -21.99 -42.61 9.98
N ALA A 408 -20.73 -42.69 9.54
CA ALA A 408 -20.44 -43.22 8.22
C ALA A 408 -20.88 -44.67 8.10
N GLU A 409 -20.65 -45.47 9.15
CA GLU A 409 -21.05 -46.87 9.12
C GLU A 409 -22.56 -47.02 8.95
N LYS A 410 -23.34 -46.22 9.66
CA LYS A 410 -24.79 -46.35 9.58
C LYS A 410 -25.30 -45.98 8.19
N CYS A 411 -24.75 -44.92 7.59
CA CYS A 411 -25.15 -44.54 6.25
C CYS A 411 -24.87 -45.66 5.25
N TYR A 412 -23.63 -46.16 5.23
CA TYR A 412 -23.27 -47.18 4.25
C TYR A 412 -24.05 -48.47 4.47
N ARG A 413 -24.31 -48.83 5.73
CA ARG A 413 -25.03 -50.07 5.99
C ARG A 413 -26.49 -49.95 5.58
N VAL A 414 -27.16 -48.86 5.96
CA VAL A 414 -28.60 -48.78 5.72
C VAL A 414 -28.89 -48.50 4.25
N THR A 415 -28.00 -47.79 3.56
CA THR A 415 -28.17 -47.53 2.13
C THR A 415 -27.62 -48.64 1.26
N GLU A 416 -27.30 -49.81 1.83
CA GLU A 416 -26.78 -50.95 1.08
C GLU A 416 -25.54 -50.56 0.26
N GLY A 417 -24.71 -49.68 0.81
CA GLY A 417 -23.48 -49.27 0.16
C GLY A 417 -23.62 -48.26 -0.95
N ARG A 418 -24.81 -47.72 -1.18
CA ARG A 418 -25.05 -46.82 -2.31
C ARG A 418 -25.03 -45.35 -1.93
N GLY A 419 -25.14 -45.01 -0.65
CA GLY A 419 -25.14 -43.62 -0.26
C GLY A 419 -23.75 -43.00 -0.38
N ILE A 420 -23.73 -41.75 -0.82
CA ILE A 420 -22.50 -40.98 -0.95
C ILE A 420 -22.40 -40.10 0.29
N PHE A 421 -21.40 -40.36 1.13
CA PHE A 421 -21.34 -39.81 2.47
C PHE A 421 -20.19 -38.83 2.63
N ALA A 422 -20.43 -37.76 3.38
CA ALA A 422 -19.38 -36.88 3.85
C ALA A 422 -19.78 -36.35 5.21
N SER A 423 -18.78 -36.01 6.03
CA SER A 423 -19.03 -35.48 7.36
C SER A 423 -18.11 -34.30 7.63
N GLY A 424 -18.41 -33.58 8.71
CA GLY A 424 -17.54 -32.52 9.19
C GLY A 424 -16.47 -33.06 10.12
N SER A 425 -16.74 -34.19 10.77
CA SER A 425 -15.85 -34.93 11.65
C SER A 425 -15.14 -36.03 10.88
N PRO A 426 -13.89 -36.34 11.20
CA PRO A 426 -13.20 -37.45 10.53
C PRO A 426 -13.75 -38.79 11.00
N PHE A 427 -14.32 -39.54 10.07
CA PHE A 427 -14.71 -40.92 10.31
C PHE A 427 -13.67 -41.84 9.68
N LYS A 428 -13.33 -42.92 10.39
CA LYS A 428 -12.36 -43.87 9.89
C LYS A 428 -12.99 -44.69 8.76
N SER A 429 -12.17 -45.52 8.12
CA SER A 429 -12.65 -46.41 7.06
C SER A 429 -13.74 -47.34 7.59
N VAL A 430 -14.65 -47.73 6.70
CA VAL A 430 -15.79 -48.57 7.03
C VAL A 430 -15.74 -49.84 6.20
N THR A 431 -15.91 -50.98 6.85
CA THR A 431 -16.03 -52.27 6.18
CA THR A 431 -16.04 -52.26 6.16
C THR A 431 -17.31 -52.93 6.66
N LEU A 432 -18.29 -53.10 5.76
CA LEU A 432 -19.54 -53.73 6.13
C LEU A 432 -19.35 -55.24 6.27
N GLU A 433 -20.40 -55.90 6.77
CA GLU A 433 -20.34 -57.34 7.01
C GLU A 433 -20.14 -58.12 5.72
N ASP A 434 -20.63 -57.60 4.61
CA ASP A 434 -20.50 -58.25 3.31
C ASP A 434 -19.13 -58.03 2.66
N GLY A 435 -18.30 -57.15 3.21
CA GLY A 435 -16.99 -56.88 2.68
C GLY A 435 -16.84 -55.54 1.97
N LYS A 436 -17.93 -54.87 1.62
CA LYS A 436 -17.83 -53.58 0.96
C LYS A 436 -17.13 -52.57 1.85
N THR A 437 -16.12 -51.90 1.30
CA THR A 437 -15.28 -50.96 2.04
C THR A 437 -15.45 -49.56 1.48
N PHE A 438 -15.45 -48.57 2.38
CA PHE A 438 -15.60 -47.18 1.99
C PHE A 438 -14.62 -46.32 2.78
N ILE A 439 -14.22 -45.20 2.19
CA ILE A 439 -13.31 -44.26 2.84
C ILE A 439 -14.01 -42.90 2.87
N PRO A 440 -14.83 -42.62 3.88
CA PRO A 440 -15.58 -41.36 3.89
C PRO A 440 -14.67 -40.15 4.03
N GLY A 441 -14.95 -39.12 3.23
CA GLY A 441 -14.21 -37.89 3.30
C GLY A 441 -14.77 -36.92 4.32
N GLN A 442 -13.94 -35.94 4.67
CA GLN A 442 -14.26 -34.94 5.68
C GLN A 442 -14.33 -33.56 5.04
N GLY A 443 -15.44 -32.86 5.23
CA GLY A 443 -15.58 -31.52 4.71
C GLY A 443 -14.88 -30.51 5.58
N ASN A 444 -13.55 -30.45 5.45
CA ASN A 444 -12.72 -29.61 6.29
C ASN A 444 -12.62 -28.21 5.70
N ASN A 445 -12.88 -27.20 6.53
CA ASN A 445 -12.76 -25.81 6.07
C ASN A 445 -11.34 -25.47 5.63
N ALA A 446 -10.34 -26.21 6.11
CA ALA A 446 -8.97 -25.97 5.67
C ALA A 446 -8.76 -26.20 4.17
N TYR A 447 -9.71 -26.86 3.49
CA TYR A 447 -9.59 -26.94 2.03
C TYR A 447 -9.77 -25.58 1.37
N VAL A 448 -10.38 -24.63 2.07
CA VAL A 448 -10.88 -23.39 1.46
C VAL A 448 -10.07 -22.18 1.91
N PHE A 449 -10.06 -21.89 3.21
CA PHE A 449 -9.58 -20.57 3.61
C PHE A 449 -8.08 -20.34 3.36
N PRO A 450 -7.20 -21.35 3.43
CA PRO A 450 -5.77 -21.04 3.19
C PRO A 450 -5.51 -20.54 1.78
N GLY A 451 -6.06 -21.21 0.76
CA GLY A 451 -5.85 -20.78 -0.61
C GLY A 451 -6.55 -19.47 -0.92
N VAL A 452 -7.76 -19.28 -0.38
CA VAL A 452 -8.45 -18.01 -0.59
C VAL A 452 -7.64 -16.88 0.00
N ALA A 453 -7.20 -17.04 1.26
CA ALA A 453 -6.39 -16.02 1.92
C ALA A 453 -5.09 -15.77 1.17
N LEU A 454 -4.43 -16.83 0.71
CA LEU A 454 -3.17 -16.67 -0.01
C LEU A 454 -3.36 -15.81 -1.26
N GLY A 455 -4.40 -16.11 -2.04
CA GLY A 455 -4.64 -15.35 -3.26
C GLY A 455 -5.10 -13.93 -2.98
N VAL A 456 -5.96 -13.75 -1.97
CA VAL A 456 -6.43 -12.42 -1.60
C VAL A 456 -5.26 -11.55 -1.15
N ILE A 457 -4.37 -12.09 -0.32
CA ILE A 457 -3.25 -11.31 0.19
C ILE A 457 -2.25 -11.04 -0.92
N ALA A 458 -1.96 -12.04 -1.76
CA ALA A 458 -1.00 -11.87 -2.86
C ALA A 458 -1.47 -10.79 -3.83
N GLY A 459 -2.75 -10.78 -4.18
CA GLY A 459 -3.21 -9.83 -5.16
C GLY A 459 -3.72 -8.51 -4.63
N GLY A 460 -3.77 -8.34 -3.32
CA GLY A 460 -4.45 -7.18 -2.76
C GLY A 460 -5.90 -7.11 -3.20
N ILE A 461 -6.59 -8.25 -3.20
CA ILE A 461 -7.99 -8.29 -3.59
C ILE A 461 -8.81 -7.53 -2.55
N ARG A 462 -9.55 -6.50 -3.00
CA ARG A 462 -10.09 -5.53 -2.06
C ARG A 462 -11.30 -6.08 -1.30
N HIS A 463 -12.12 -6.88 -1.98
CA HIS A 463 -13.31 -7.47 -1.37
C HIS A 463 -13.44 -8.89 -1.91
N ILE A 464 -14.14 -9.74 -1.15
CA ILE A 464 -14.21 -11.14 -1.51
C ILE A 464 -15.66 -11.51 -1.86
N PRO A 465 -16.06 -11.41 -3.12
CA PRO A 465 -17.44 -11.74 -3.48
C PRO A 465 -17.67 -13.25 -3.44
N ASP A 466 -18.95 -13.63 -3.39
CA ASP A 466 -19.28 -15.04 -3.31
C ASP A 466 -18.82 -15.82 -4.54
N GLU A 467 -18.59 -15.15 -5.67
CA GLU A 467 -18.04 -15.85 -6.84
C GLU A 467 -16.69 -16.48 -6.55
N ILE A 468 -15.91 -15.88 -5.64
CA ILE A 468 -14.62 -16.46 -5.28
C ILE A 468 -14.83 -17.77 -4.52
N PHE A 469 -15.85 -17.83 -3.67
CA PHE A 469 -16.07 -19.07 -2.92
C PHE A 469 -16.65 -20.15 -3.82
N LEU A 470 -17.40 -19.78 -4.86
CA LEU A 470 -17.92 -20.77 -5.78
C LEU A 470 -16.80 -21.33 -6.66
N LEU A 471 -15.94 -20.47 -7.20
CA LEU A 471 -14.86 -21.01 -8.04
C LEU A 471 -13.86 -21.80 -7.21
N THR A 472 -13.70 -21.46 -5.94
CA THR A 472 -12.88 -22.28 -5.05
C THR A 472 -13.50 -23.65 -4.87
N ALA A 473 -14.82 -23.71 -4.69
CA ALA A 473 -15.49 -25.00 -4.56
C ALA A 473 -15.34 -25.84 -5.82
N GLU A 474 -15.40 -25.21 -6.99
CA GLU A 474 -15.25 -25.94 -8.25
C GLU A 474 -13.83 -26.48 -8.40
N GLN A 475 -12.84 -25.71 -7.95
CA GLN A 475 -11.46 -26.20 -7.98
C GLN A 475 -11.27 -27.41 -7.08
N ILE A 476 -11.79 -27.35 -5.85
CA ILE A 476 -11.63 -28.48 -4.93
C ILE A 476 -12.27 -29.73 -5.49
N ALA A 477 -13.47 -29.60 -6.08
CA ALA A 477 -14.19 -30.76 -6.61
C ALA A 477 -13.40 -31.47 -7.71
N GLN A 478 -12.60 -30.74 -8.46
CA GLN A 478 -11.78 -31.34 -9.51
C GLN A 478 -10.51 -31.99 -8.97
N GLU A 479 -10.14 -31.72 -7.72
CA GLU A 479 -8.89 -32.26 -7.19
C GLU A 479 -8.98 -33.76 -6.94
N VAL A 480 -10.18 -34.28 -6.70
CA VAL A 480 -10.34 -35.68 -6.31
C VAL A 480 -10.06 -36.57 -7.52
N SER A 481 -9.28 -37.62 -7.31
CA SER A 481 -8.98 -38.57 -8.37
C SER A 481 -10.18 -39.45 -8.67
N GLU A 482 -10.18 -40.03 -9.86
CA GLU A 482 -11.26 -40.96 -10.21
C GLU A 482 -11.24 -42.19 -9.31
N GLN A 483 -10.03 -42.64 -8.94
CA GLN A 483 -9.91 -43.79 -8.04
C GLN A 483 -10.52 -43.48 -6.67
N HIS A 484 -10.22 -42.30 -6.13
CA HIS A 484 -10.75 -41.96 -4.80
C HIS A 484 -12.27 -41.83 -4.83
N LEU A 485 -12.83 -41.31 -5.93
CA LEU A 485 -14.28 -41.24 -6.04
C LEU A 485 -14.91 -42.62 -5.98
N SER A 486 -14.26 -43.61 -6.60
CA SER A 486 -14.79 -44.97 -6.59
CA SER A 486 -14.79 -44.97 -6.59
C SER A 486 -14.81 -45.58 -5.19
N GLN A 487 -13.99 -45.06 -4.29
CA GLN A 487 -13.94 -45.52 -2.90
C GLN A 487 -14.86 -44.72 -2.00
N GLY A 488 -15.56 -43.72 -2.52
CA GLY A 488 -16.45 -42.90 -1.74
C GLY A 488 -15.85 -41.61 -1.22
N ARG A 489 -14.63 -41.25 -1.63
CA ARG A 489 -13.96 -40.05 -1.15
C ARG A 489 -14.36 -38.86 -2.02
N LEU A 490 -14.86 -37.81 -1.39
CA LEU A 490 -15.30 -36.62 -2.11
C LEU A 490 -14.29 -35.47 -2.05
N TYR A 491 -13.22 -35.61 -1.28
CA TYR A 491 -12.26 -34.54 -1.09
C TYR A 491 -10.85 -35.05 -1.31
N PRO A 492 -9.94 -34.20 -1.78
CA PRO A 492 -8.56 -34.64 -2.00
C PRO A 492 -7.86 -34.90 -0.67
N PRO A 493 -6.76 -35.65 -0.69
CA PRO A 493 -6.05 -35.94 0.57
C PRO A 493 -5.51 -34.67 1.20
N LEU A 494 -5.66 -34.59 2.52
CA LEU A 494 -5.15 -33.42 3.25
C LEU A 494 -3.64 -33.27 3.12
N SER A 495 -2.92 -34.36 2.85
CA SER A 495 -1.48 -34.28 2.66
C SER A 495 -1.10 -33.42 1.45
N THR A 496 -2.04 -33.14 0.56
CA THR A 496 -1.78 -32.31 -0.61
C THR A 496 -2.27 -30.87 -0.43
N ILE A 497 -2.65 -30.47 0.79
CA ILE A 497 -3.35 -29.21 1.00
C ILE A 497 -2.53 -28.01 0.50
N ARG A 498 -1.20 -28.06 0.64
CA ARG A 498 -0.37 -26.97 0.16
C ARG A 498 -0.51 -26.77 -1.36
N ASP A 499 -0.50 -27.87 -2.12
CA ASP A 499 -0.66 -27.76 -3.57
C ASP A 499 -2.08 -27.32 -3.94
N VAL A 500 -3.08 -27.88 -3.27
CA VAL A 500 -4.46 -27.45 -3.51
C VAL A 500 -4.61 -25.96 -3.22
N SER A 501 -4.02 -25.49 -2.11
CA SER A 501 -4.13 -24.10 -1.74
C SER A 501 -3.48 -23.20 -2.78
N LEU A 502 -2.35 -23.64 -3.34
CA LEU A 502 -1.68 -22.87 -4.37
C LEU A 502 -2.53 -22.78 -5.63
N ARG A 503 -3.14 -23.90 -6.05
CA ARG A 503 -3.97 -23.86 -7.24
C ARG A 503 -5.21 -23.00 -7.03
N ILE A 504 -5.77 -23.01 -5.81
CA ILE A 504 -6.90 -22.13 -5.51
C ILE A 504 -6.46 -20.67 -5.55
N ALA A 505 -5.31 -20.37 -4.94
CA ALA A 505 -4.82 -18.99 -4.93
C ALA A 505 -4.64 -18.46 -6.34
N ILE A 506 -4.15 -19.30 -7.25
CA ILE A 506 -3.96 -18.86 -8.63
C ILE A 506 -5.30 -18.61 -9.31
N LYS A 507 -6.26 -19.53 -9.14
CA LYS A 507 -7.57 -19.34 -9.77
C LYS A 507 -8.24 -18.07 -9.25
N VAL A 508 -8.15 -17.83 -7.93
CA VAL A 508 -8.70 -16.63 -7.33
C VAL A 508 -8.02 -15.39 -7.92
N LEU A 509 -6.71 -15.45 -8.09
CA LEU A 509 -5.97 -14.34 -8.65
C LEU A 509 -6.37 -14.07 -10.09
N ASP A 510 -6.49 -15.12 -10.90
CA ASP A 510 -6.95 -14.95 -12.28
C ASP A 510 -8.29 -14.24 -12.32
N TYR A 511 -9.23 -14.69 -11.49
CA TYR A 511 -10.56 -14.08 -11.44
C TYR A 511 -10.48 -12.61 -11.03
N ALA A 512 -9.68 -12.29 -10.01
CA ALA A 512 -9.63 -10.92 -9.51
C ALA A 512 -9.12 -9.96 -10.58
N TYR A 513 -8.05 -10.31 -11.27
CA TYR A 513 -7.53 -9.42 -12.30
C TYR A 513 -8.49 -9.33 -13.49
N LYS A 514 -9.18 -10.42 -13.80
CA LYS A 514 -10.15 -10.36 -14.89
C LYS A 514 -11.26 -9.35 -14.61
N HIS A 515 -11.66 -9.20 -13.35
CA HIS A 515 -12.78 -8.35 -12.98
C HIS A 515 -12.34 -7.10 -12.23
N ASN A 516 -11.08 -6.73 -12.33
CA ASN A 516 -10.55 -5.50 -11.75
C ASN A 516 -10.75 -5.44 -10.23
N LEU A 517 -10.60 -6.59 -9.56
CA LEU A 517 -10.71 -6.64 -8.12
C LEU A 517 -9.36 -6.61 -7.40
N ALA A 518 -8.25 -6.85 -8.11
CA ALA A 518 -6.95 -6.94 -7.47
C ALA A 518 -6.23 -5.60 -7.54
N SER A 519 -5.71 -5.15 -6.40
CA SER A 519 -5.06 -3.85 -6.33
C SER A 519 -3.54 -3.94 -6.52
N TYR A 520 -2.94 -5.12 -6.41
CA TYR A 520 -1.51 -5.23 -6.61
C TYR A 520 -1.17 -5.03 -8.09
N TYR A 521 -0.21 -4.17 -8.37
CA TYR A 521 0.21 -3.92 -9.75
CA TYR A 521 0.20 -3.92 -9.75
C TYR A 521 1.72 -3.74 -9.80
N PRO A 522 2.35 -4.03 -10.95
CA PRO A 522 1.79 -4.54 -12.20
C PRO A 522 1.27 -5.97 -12.06
N GLU A 523 0.22 -6.29 -12.81
CA GLU A 523 -0.31 -7.64 -12.81
C GLU A 523 0.79 -8.62 -13.26
N PRO A 524 1.09 -9.66 -12.50
CA PRO A 524 2.13 -10.60 -12.93
C PRO A 524 1.67 -11.40 -14.13
N LYS A 525 2.60 -11.63 -15.05
CA LYS A 525 2.29 -12.43 -16.24
C LYS A 525 2.13 -13.90 -15.86
N ASP A 526 2.96 -14.40 -14.96
CA ASP A 526 2.94 -15.79 -14.50
C ASP A 526 2.41 -15.80 -13.06
N LYS A 527 1.11 -16.02 -12.92
CA LYS A 527 0.49 -16.01 -11.58
C LYS A 527 1.08 -17.09 -10.69
N GLU A 528 1.40 -18.27 -11.26
CA GLU A 528 1.91 -19.35 -10.44
C GLU A 528 3.26 -18.99 -9.82
N ALA A 529 4.19 -18.50 -10.65
CA ALA A 529 5.50 -18.09 -10.13
C ALA A 529 5.36 -16.96 -9.12
N PHE A 530 4.41 -16.05 -9.34
CA PHE A 530 4.19 -14.95 -8.41
C PHE A 530 3.80 -15.47 -7.04
N VAL A 531 2.78 -16.33 -6.99
CA VAL A 531 2.31 -16.84 -5.69
C VAL A 531 3.38 -17.71 -5.04
N ARG A 532 4.09 -18.52 -5.84
CA ARG A 532 5.13 -19.37 -5.27
C ARG A 532 6.19 -18.54 -4.55
N SER A 533 6.50 -17.35 -5.09
CA SER A 533 7.50 -16.50 -4.46
C SER A 533 7.04 -15.95 -3.11
N LEU A 534 5.75 -16.02 -2.81
CA LEU A 534 5.23 -15.50 -1.55
C LEU A 534 4.98 -16.58 -0.51
N VAL A 535 5.03 -17.85 -0.90
CA VAL A 535 4.73 -18.95 0.01
C VAL A 535 5.82 -19.06 1.07
N TYR A 536 5.41 -19.11 2.32
CA TYR A 536 6.34 -19.24 3.44
C TYR A 536 6.75 -20.69 3.60
N THR A 537 8.05 -20.90 3.83
CA THR A 537 8.61 -22.21 4.05
C THR A 537 9.17 -22.31 5.47
N PRO A 538 9.23 -23.51 6.05
CA PRO A 538 9.91 -23.68 7.34
C PRO A 538 11.44 -23.58 7.27
N ASP A 539 12.03 -23.35 6.10
CA ASP A 539 13.48 -23.22 6.01
C ASP A 539 13.96 -21.98 6.76
N TYR A 540 14.97 -22.16 7.63
CA TYR A 540 15.54 -21.02 8.33
C TYR A 540 16.08 -19.99 7.34
N ASP A 541 15.90 -18.71 7.66
CA ASP A 541 16.42 -17.65 6.80
C ASP A 541 17.92 -17.45 7.05
N SER A 542 18.57 -16.84 6.08
CA SER A 542 20.00 -16.57 6.14
C SER A 542 20.27 -15.24 6.84
N PHE A 543 21.53 -15.01 7.18
CA PHE A 543 22.02 -13.73 7.67
C PHE A 543 23.25 -13.29 6.88
N THR A 544 23.26 -13.56 5.58
CA THR A 544 24.42 -13.25 4.75
C THR A 544 24.58 -11.73 4.62
N LEU A 545 25.73 -11.22 5.03
CA LEU A 545 25.98 -9.79 4.92
C LEU A 545 26.35 -9.43 3.48
N ASP A 546 25.76 -8.35 2.97
CA ASP A 546 26.00 -7.91 1.60
C ASP A 546 27.23 -7.02 1.59
N SER A 547 28.40 -7.66 1.55
CA SER A 547 29.67 -6.95 1.47
C SER A 547 30.28 -7.11 0.09
N TYR A 548 31.03 -6.10 -0.33
CA TYR A 548 31.61 -6.05 -1.67
C TYR A 548 32.64 -4.93 -1.69
N THR A 549 33.39 -4.87 -2.80
CA THR A 549 34.40 -3.84 -2.98
C THR A 549 34.18 -3.14 -4.30
N TRP A 550 34.76 -1.96 -4.41
CA TRP A 550 34.80 -1.24 -5.66
C TRP A 550 36.01 -1.67 -6.47
N PRO A 551 36.06 -1.36 -7.77
CA PRO A 551 37.26 -1.68 -8.55
C PRO A 551 38.50 -1.07 -7.90
N LYS A 552 39.62 -1.79 -8.01
CA LYS A 552 40.82 -1.41 -7.26
C LYS A 552 41.31 -0.02 -7.66
N GLU A 553 41.33 0.28 -8.96
CA GLU A 553 41.79 1.59 -9.39
C GLU A 553 40.82 2.69 -8.95
N ALA A 554 39.52 2.44 -9.06
CA ALA A 554 38.55 3.44 -8.65
C ALA A 554 38.64 3.72 -7.16
N MET A 555 38.78 2.68 -6.34
CA MET A 555 38.93 2.87 -4.91
C MET A 555 40.23 3.61 -4.59
N ASN A 556 41.30 3.32 -5.33
CA ASN A 556 42.55 4.02 -5.10
CA ASN A 556 42.56 4.03 -5.11
C ASN A 556 42.39 5.52 -5.35
N VAL A 557 41.71 5.90 -6.44
CA VAL A 557 41.49 7.31 -6.74
C VAL A 557 40.59 7.97 -5.69
N GLN A 558 39.65 7.22 -5.13
CA GLN A 558 38.73 7.78 -4.14
C GLN A 558 39.32 7.80 -2.74
N THR A 559 40.50 7.23 -2.53
CA THR A 559 41.14 7.16 -1.22
C THR A 559 42.19 8.27 -1.16
N VAL A 560 41.98 9.23 -0.27
CA VAL A 560 42.75 10.47 -0.23
C VAL A 560 43.58 10.48 1.04
N THR A 561 44.88 10.70 0.89
CA THR A 561 45.82 10.79 1.98
C THR A 561 46.57 12.12 1.87
N ARG A 562 47.33 12.43 2.92
CA ARG A 562 48.18 13.61 2.89
C ARG A 562 49.19 13.53 1.75
N GLU A 563 49.61 12.31 1.40
CA GLU A 563 50.61 12.12 0.36
C GLU A 563 50.05 12.37 -1.03
N ASN A 564 48.82 11.91 -1.31
CA ASN A 564 48.28 11.97 -2.66
C ASN A 564 47.24 13.09 -2.82
N LEU A 565 47.19 14.04 -1.89
CA LEU A 565 46.17 15.08 -1.95
C LEU A 565 46.32 15.95 -3.19
N TYR A 566 47.56 16.22 -3.60
CA TYR A 566 47.82 17.06 -4.77
C TYR A 566 48.57 16.30 -5.85
N LYS B 4 9.43 8.52 19.74
CA LYS B 4 10.78 8.52 20.30
C LYS B 4 10.81 9.31 21.61
N ARG B 5 11.77 8.99 22.47
CA ARG B 5 11.90 9.61 23.78
C ARG B 5 13.40 9.67 24.13
N GLY B 6 13.69 10.29 25.26
CA GLY B 6 15.07 10.36 25.74
C GLY B 6 15.92 11.29 24.89
N TYR B 7 17.22 11.23 25.18
CA TYR B 7 18.19 12.12 24.54
C TYR B 7 18.06 12.16 23.02
N ASP B 8 17.70 11.04 22.38
CA ASP B 8 17.67 10.99 20.93
C ASP B 8 16.63 11.92 20.33
N VAL B 9 15.58 12.30 21.08
CA VAL B 9 14.58 13.22 20.55
CA VAL B 9 14.59 13.20 20.50
C VAL B 9 15.21 14.56 20.20
N THR B 10 16.20 14.99 20.98
CA THR B 10 16.86 16.26 20.71
C THR B 10 17.70 16.20 19.45
N ARG B 11 18.11 15.01 19.03
CA ARG B 11 18.87 14.82 17.79
C ARG B 11 17.98 14.43 16.61
N ASN B 12 16.67 14.34 16.82
CA ASN B 12 15.72 13.99 15.76
C ASN B 12 15.20 15.27 15.14
N PRO B 13 15.52 15.58 13.87
CA PRO B 13 15.07 16.85 13.29
C PRO B 13 13.58 16.97 13.19
N HIS B 14 12.85 15.84 13.08
CA HIS B 14 11.40 15.87 12.92
C HIS B 14 10.68 16.13 14.22
N LEU B 15 11.29 15.79 15.36
CA LEU B 15 10.64 15.92 16.65
C LEU B 15 11.25 16.98 17.55
N ASN B 16 12.51 17.35 17.33
CA ASN B 16 13.19 18.29 18.22
C ASN B 16 12.53 19.66 18.17
N LYS B 17 12.11 20.15 19.33
CA LYS B 17 11.58 21.51 19.47
C LYS B 17 12.58 22.46 20.12
N GLY B 18 13.71 21.97 20.61
CA GLY B 18 14.64 22.83 21.32
C GLY B 18 13.97 23.43 22.56
N MET B 19 14.17 24.73 22.75
CA MET B 19 13.58 25.38 23.93
C MET B 19 12.07 25.55 23.84
N ALA B 20 11.45 25.17 22.73
CA ALA B 20 9.99 25.16 22.67
C ALA B 20 9.37 23.98 23.41
N PHE B 21 10.18 22.99 23.81
CA PHE B 21 9.68 21.95 24.71
C PHE B 21 9.25 22.57 26.03
N THR B 22 7.99 22.38 26.41
CA THR B 22 7.55 22.81 27.73
C THR B 22 8.20 21.94 28.80
N LEU B 23 8.20 22.43 30.05
CA LEU B 23 8.74 21.63 31.14
C LEU B 23 8.03 20.28 31.24
N GLU B 24 6.69 20.28 31.14
CA GLU B 24 5.94 19.03 31.19
C GLU B 24 6.37 18.08 30.08
N GLU B 25 6.63 18.61 28.89
CA GLU B 25 7.07 17.77 27.77
C GLU B 25 8.47 17.21 28.01
N ARG B 26 9.37 18.01 28.58
CA ARG B 26 10.73 17.54 28.85
C ARG B 26 10.72 16.43 29.89
N LEU B 27 9.89 16.58 30.93
CA LEU B 27 9.80 15.54 31.95
C LEU B 27 9.20 14.25 31.39
N GLN B 28 8.17 14.37 30.54
CA GLN B 28 7.54 13.16 30.01
C GLN B 28 8.47 12.44 29.04
N LEU B 29 9.26 13.19 28.29
CA LEU B 29 10.21 12.59 27.36
C LEU B 29 11.52 12.15 28.02
N GLY B 30 11.74 12.50 29.28
CA GLY B 30 12.99 12.11 29.93
C GLY B 30 14.20 12.86 29.43
N ILE B 31 14.04 14.14 29.10
CA ILE B 31 15.12 14.98 28.59
C ILE B 31 15.36 16.21 29.44
N HIS B 32 14.65 16.36 30.57
CA HIS B 32 14.79 17.57 31.36
C HIS B 32 16.23 17.69 31.88
N GLY B 33 16.84 18.85 31.63
CA GLY B 33 18.24 19.09 31.93
C GLY B 33 19.09 19.25 30.68
N LEU B 34 18.68 18.67 29.55
CA LEU B 34 19.45 18.79 28.32
C LEU B 34 19.27 20.13 27.62
N ILE B 35 18.29 20.93 28.06
CA ILE B 35 17.86 22.15 27.39
C ILE B 35 17.89 23.30 28.39
N PRO B 36 18.29 24.52 27.98
CA PRO B 36 18.34 25.65 28.93
C PRO B 36 16.99 25.92 29.55
N PRO B 37 16.96 26.54 30.75
CA PRO B 37 15.73 26.66 31.55
C PRO B 37 14.80 27.79 31.10
N CYS B 38 14.51 27.83 29.81
CA CYS B 38 13.62 28.83 29.22
CA CYS B 38 13.56 28.80 29.29
C CYS B 38 12.68 28.11 28.26
N PHE B 39 11.43 28.55 28.20
CA PHE B 39 10.41 27.88 27.41
C PHE B 39 9.86 28.89 26.40
N LEU B 40 10.29 28.75 25.15
CA LEU B 40 9.96 29.72 24.10
C LEU B 40 8.81 29.23 23.25
N SER B 41 8.08 30.18 22.69
CA SER B 41 7.14 29.82 21.64
C SER B 41 7.88 29.78 20.30
N GLN B 42 7.27 29.09 19.33
CA GLN B 42 7.87 29.04 18.01
C GLN B 42 7.99 30.43 17.38
N ASP B 43 7.02 31.32 17.66
CA ASP B 43 7.13 32.70 17.21
C ASP B 43 8.42 33.33 17.70
N VAL B 44 8.76 33.13 18.97
CA VAL B 44 9.99 33.71 19.52
C VAL B 44 11.21 33.03 18.90
N GLN B 45 11.15 31.71 18.72
CA GLN B 45 12.24 31.01 18.04
C GLN B 45 12.47 31.57 16.64
N LEU B 46 11.40 31.86 15.90
CA LEU B 46 11.52 32.46 14.58
C LEU B 46 12.19 33.83 14.67
N LEU B 47 11.77 34.64 15.65
CA LEU B 47 12.39 35.93 15.89
C LEU B 47 13.90 35.79 16.10
N ARG B 48 14.29 34.83 16.94
CA ARG B 48 15.70 34.67 17.28
C ARG B 48 16.53 34.25 16.07
N ILE B 49 16.05 33.26 15.31
CA ILE B 49 16.85 32.78 14.19
C ILE B 49 16.90 33.82 13.07
N MET B 50 15.84 34.61 12.89
CA MET B 50 15.86 35.62 11.84
C MET B 50 16.88 36.72 12.11
N ARG B 51 17.24 36.95 13.38
CA ARG B 51 18.28 37.94 13.67
C ARG B 51 19.62 37.50 13.09
N TYR B 52 19.95 36.22 13.22
CA TYR B 52 21.20 35.72 12.66
C TYR B 52 21.11 35.60 11.14
N TYR B 53 19.93 35.31 10.61
CA TYR B 53 19.77 35.20 9.16
C TYR B 53 20.06 36.54 8.48
N GLU B 54 19.52 37.63 9.02
CA GLU B 54 19.71 38.92 8.38
C GLU B 54 21.12 39.48 8.54
N ARG B 55 21.90 38.95 9.49
CA ARG B 55 23.28 39.39 9.65
C ARG B 55 24.21 38.83 8.58
N GLN B 56 23.79 37.79 7.86
CA GLN B 56 24.64 37.22 6.83
C GLN B 56 24.78 38.19 5.66
N GLN B 57 25.99 38.24 5.09
CA GLN B 57 26.34 39.24 4.09
C GLN B 57 26.00 38.84 2.66
N SER B 58 25.70 37.57 2.41
CA SER B 58 25.43 37.11 1.05
C SER B 58 24.34 36.05 1.08
N ASP B 59 23.74 35.81 -0.09
CA ASP B 59 22.76 34.74 -0.22
C ASP B 59 23.38 33.38 0.06
N LEU B 60 24.65 33.19 -0.33
CA LEU B 60 25.33 31.93 -0.02
C LEU B 60 25.37 31.68 1.48
N ASP B 61 25.70 32.71 2.26
CA ASP B 61 25.76 32.56 3.71
C ASP B 61 24.38 32.38 4.31
N LYS B 62 23.35 32.94 3.68
CA LYS B 62 21.99 32.73 4.17
C LYS B 62 21.54 31.30 3.92
N TYR B 63 21.91 30.73 2.77
CA TYR B 63 21.67 29.31 2.54
C TYR B 63 22.36 28.46 3.59
N ILE B 64 23.60 28.79 3.94
CA ILE B 64 24.34 28.02 4.94
C ILE B 64 23.60 28.02 6.26
N ILE B 65 23.15 29.20 6.71
CA ILE B 65 22.45 29.32 7.98
CA ILE B 65 22.48 29.28 7.99
C ILE B 65 21.19 28.47 7.97
N LEU B 66 20.46 28.50 6.84
CA LEU B 66 19.21 27.74 6.78
C LEU B 66 19.48 26.24 6.80
N MET B 67 20.57 25.78 6.18
CA MET B 67 20.85 24.36 6.20
C MET B 67 21.21 23.88 7.60
N THR B 68 21.93 24.70 8.36
CA THR B 68 22.20 24.34 9.75
CA THR B 68 22.20 24.38 9.76
C THR B 68 20.90 24.27 10.55
N LEU B 69 19.92 25.13 10.24
CA LEU B 69 18.65 25.07 10.94
C LEU B 69 17.86 23.82 10.55
N GLN B 70 17.81 23.51 9.25
CA GLN B 70 17.16 22.28 8.81
C GLN B 70 17.83 21.05 9.43
N ASP B 71 19.15 21.10 9.63
CA ASP B 71 19.86 19.98 10.26
C ASP B 71 19.25 19.65 11.63
N ARG B 72 18.87 20.67 12.40
CA ARG B 72 18.53 20.46 13.81
C ARG B 72 17.04 20.57 14.15
N ASN B 73 16.25 21.34 13.40
CA ASN B 73 14.85 21.57 13.78
C ASN B 73 14.03 21.78 12.51
N GLU B 74 13.43 20.71 12.03
CA GLU B 74 12.72 20.75 10.75
C GLU B 74 11.48 21.64 10.81
N LYS B 75 10.73 21.57 11.91
CA LYS B 75 9.53 22.39 12.03
C LYS B 75 9.87 23.87 11.99
N LEU B 76 10.92 24.28 12.72
CA LEU B 76 11.30 25.69 12.73
C LEU B 76 11.84 26.12 11.38
N PHE B 77 12.56 25.21 10.70
CA PHE B 77 13.01 25.47 9.34
C PHE B 77 11.83 25.80 8.42
N TYR B 78 10.75 25.02 8.49
CA TYR B 78 9.62 25.32 7.62
C TYR B 78 8.79 26.50 8.12
N ARG B 79 8.87 26.82 9.41
CA ARG B 79 8.27 28.06 9.88
C ARG B 79 8.96 29.26 9.24
N VAL B 80 10.29 29.21 9.13
CA VAL B 80 11.02 30.25 8.43
C VAL B 80 10.60 30.32 6.97
N LEU B 81 10.63 29.18 6.26
CA LEU B 81 10.34 29.17 4.83
C LEU B 81 8.93 29.69 4.56
N THR B 82 7.95 29.19 5.32
CA THR B 82 6.57 29.59 5.07
C THR B 82 6.26 30.99 5.58
N SER B 83 7.14 31.59 6.39
CA SER B 83 6.89 32.96 6.84
C SER B 83 6.90 33.95 5.68
N ASP B 84 7.69 33.67 4.63
CA ASP B 84 7.72 34.49 3.43
C ASP B 84 8.28 33.64 2.30
N VAL B 85 7.42 32.83 1.67
CA VAL B 85 7.93 31.79 0.79
C VAL B 85 8.64 32.40 -0.41
N GLU B 86 8.17 33.56 -0.90
CA GLU B 86 8.82 34.19 -2.03
C GLU B 86 10.23 34.65 -1.70
N LYS B 87 10.48 35.01 -0.44
CA LYS B 87 11.79 35.47 -0.03
C LYS B 87 12.79 34.32 0.10
N PHE B 88 12.33 33.17 0.59
CA PHE B 88 13.25 32.08 0.89
C PHE B 88 13.35 31.05 -0.22
N MET B 89 12.39 30.97 -1.12
CA MET B 89 12.48 30.06 -2.27
C MET B 89 13.78 30.24 -3.07
N PRO B 90 14.22 31.47 -3.41
CA PRO B 90 15.46 31.60 -4.18
C PRO B 90 16.72 31.34 -3.36
N ILE B 91 16.60 31.21 -2.05
CA ILE B 91 17.75 30.91 -1.19
C ILE B 91 17.94 29.40 -1.04
N VAL B 92 16.88 28.68 -0.67
CA VAL B 92 17.00 27.24 -0.50
C VAL B 92 17.01 26.47 -1.80
N TYR B 93 16.62 27.11 -2.91
CA TYR B 93 16.64 26.47 -4.22
C TYR B 93 17.26 27.41 -5.25
N THR B 94 16.82 27.32 -6.50
CA THR B 94 17.45 28.08 -7.57
CA THR B 94 17.44 28.08 -7.58
C THR B 94 17.22 29.58 -7.37
N PRO B 95 18.24 30.42 -7.58
CA PRO B 95 19.59 30.10 -8.06
C PRO B 95 20.66 29.90 -7.00
N THR B 96 20.32 30.07 -5.71
CA THR B 96 21.37 30.10 -4.69
C THR B 96 21.91 28.70 -4.42
N VAL B 97 21.06 27.68 -4.44
CA VAL B 97 21.48 26.37 -3.97
C VAL B 97 22.63 25.84 -4.83
N GLY B 98 22.54 26.03 -6.15
CA GLY B 98 23.60 25.57 -7.01
C GLY B 98 24.87 26.38 -6.83
N LEU B 99 24.75 27.69 -6.62
CA LEU B 99 25.93 28.51 -6.42
C LEU B 99 26.63 28.17 -5.12
N ALA B 100 25.85 27.92 -4.06
CA ALA B 100 26.44 27.58 -2.77
C ALA B 100 27.14 26.23 -2.80
N CYS B 101 26.49 25.23 -3.41
CA CYS B 101 27.10 23.91 -3.49
C CYS B 101 28.33 23.92 -4.39
N GLN B 102 28.30 24.72 -5.45
CA GLN B 102 29.47 24.89 -6.30
C GLN B 102 30.64 25.47 -5.52
N HIS B 103 30.37 26.43 -4.63
CA HIS B 103 31.41 27.14 -3.90
C HIS B 103 31.83 26.41 -2.62
N TYR B 104 30.87 25.92 -1.83
CA TYR B 104 31.16 25.35 -0.52
C TYR B 104 31.13 23.84 -0.48
N GLY B 105 30.57 23.19 -1.50
CA GLY B 105 30.34 21.76 -1.42
C GLY B 105 29.05 21.45 -0.69
N LEU B 106 29.05 20.31 -0.01
CA LEU B 106 27.87 19.84 0.73
C LEU B 106 28.07 20.20 2.20
N THR B 107 27.24 21.12 2.70
CA THR B 107 27.37 21.67 4.04
CA THR B 107 27.40 21.64 4.05
C THR B 107 26.56 20.91 5.08
N PHE B 108 25.72 19.96 4.66
CA PHE B 108 24.86 19.24 5.59
C PHE B 108 25.70 18.49 6.62
N ARG B 109 25.42 18.74 7.90
CA ARG B 109 26.10 18.01 8.96
C ARG B 109 25.24 16.91 9.54
N ARG B 110 24.03 16.74 9.02
CA ARG B 110 23.21 15.57 9.23
C ARG B 110 22.92 14.95 7.86
N PRO B 111 23.11 13.64 7.70
CA PRO B 111 22.87 13.02 6.39
C PRO B 111 21.46 13.31 5.89
N ARG B 112 21.37 13.84 4.67
CA ARG B 112 20.09 14.24 4.11
C ARG B 112 19.49 13.23 3.14
N GLY B 113 20.28 12.28 2.65
CA GLY B 113 19.77 11.32 1.70
C GLY B 113 20.80 10.27 1.35
N LEU B 114 20.79 9.79 0.11
CA LEU B 114 21.66 8.69 -0.28
C LEU B 114 22.53 9.09 -1.47
N PHE B 115 23.83 8.85 -1.35
CA PHE B 115 24.76 8.91 -2.47
C PHE B 115 24.94 7.49 -3.00
N ILE B 116 24.54 7.26 -4.25
CA ILE B 116 24.65 5.96 -4.89
C ILE B 116 25.56 6.10 -6.10
N THR B 117 26.60 5.26 -6.18
CA THR B 117 27.55 5.36 -7.27
C THR B 117 27.39 4.22 -8.26
N ILE B 118 27.97 4.41 -9.44
CA ILE B 118 27.99 3.38 -10.46
C ILE B 118 28.70 2.13 -9.95
N HIS B 119 29.66 2.30 -9.04
CA HIS B 119 30.40 1.17 -8.48
C HIS B 119 29.60 0.37 -7.47
N ASP B 120 28.42 0.86 -7.08
CA ASP B 120 27.54 0.13 -6.19
C ASP B 120 26.55 -0.75 -6.93
N LYS B 121 26.65 -0.81 -8.26
CA LYS B 121 25.74 -1.60 -9.08
C LYS B 121 25.61 -3.01 -8.52
N GLY B 122 24.36 -3.46 -8.37
CA GLY B 122 24.08 -4.75 -7.80
C GLY B 122 23.83 -4.76 -6.31
N HIS B 123 24.03 -3.63 -5.63
CA HIS B 123 23.86 -3.57 -4.18
C HIS B 123 23.00 -2.39 -3.73
N LEU B 124 22.19 -1.84 -4.64
CA LEU B 124 21.40 -0.66 -4.28
C LEU B 124 20.35 -0.98 -3.22
N ALA B 125 19.81 -2.20 -3.22
CA ALA B 125 18.82 -2.56 -2.21
C ALA B 125 19.39 -2.42 -0.81
N THR B 126 20.62 -2.90 -0.59
CA THR B 126 21.27 -2.79 0.71
C THR B 126 21.48 -1.32 1.10
N MET B 127 21.88 -0.49 0.14
CA MET B 127 22.14 0.91 0.45
C MET B 127 20.88 1.64 0.88
N LEU B 128 19.73 1.30 0.31
CA LEU B 128 18.49 1.95 0.70
C LEU B 128 18.18 1.71 2.17
N ASN B 129 18.62 0.57 2.72
CA ASN B 129 18.40 0.26 4.12
C ASN B 129 19.22 1.15 5.05
N SER B 130 20.14 1.96 4.53
CA SER B 130 20.84 2.90 5.39
C SER B 130 19.95 4.07 5.79
N TRP B 131 18.93 4.38 5.00
CA TRP B 131 18.05 5.49 5.35
C TRP B 131 17.14 5.08 6.50
N PRO B 132 17.06 5.86 7.58
CA PRO B 132 16.34 5.41 8.78
C PRO B 132 14.82 5.51 8.70
N GLU B 133 14.27 6.12 7.65
CA GLU B 133 12.83 6.23 7.50
C GLU B 133 12.35 5.15 6.53
N ASP B 134 11.43 4.30 6.98
CA ASP B 134 10.91 3.24 6.14
C ASP B 134 9.71 3.66 5.30
N ASN B 135 9.02 4.74 5.67
CA ASN B 135 7.79 5.12 4.98
C ASN B 135 8.09 6.30 4.04
N ILE B 136 8.73 5.97 2.91
CA ILE B 136 9.11 6.97 1.92
C ILE B 136 8.06 6.95 0.81
N LYS B 137 7.57 8.13 0.44
CA LYS B 137 6.54 8.23 -0.57
C LYS B 137 6.92 9.11 -1.75
N ALA B 138 8.06 9.81 -1.68
CA ALA B 138 8.52 10.67 -2.75
C ALA B 138 10.03 10.71 -2.75
N VAL B 139 10.63 10.50 -3.92
CA VAL B 139 12.08 10.57 -4.13
C VAL B 139 12.34 11.62 -5.20
N VAL B 140 13.33 12.49 -4.95
CA VAL B 140 13.85 13.38 -5.98
C VAL B 140 15.29 12.97 -6.25
N VAL B 141 15.61 12.64 -7.50
CA VAL B 141 16.91 12.10 -7.85
C VAL B 141 17.56 12.97 -8.93
N THR B 142 18.89 13.12 -8.84
CA THR B 142 19.66 13.74 -9.91
C THR B 142 20.98 13.00 -10.08
N ASP B 143 21.60 13.16 -11.26
CA ASP B 143 22.99 12.78 -11.44
C ASP B 143 23.91 14.00 -11.53
N GLY B 144 23.37 15.20 -11.33
CA GLY B 144 24.16 16.40 -11.28
C GLY B 144 24.76 16.85 -12.59
N GLU B 145 24.31 16.30 -13.73
CA GLU B 145 24.98 16.63 -14.99
C GLU B 145 24.53 17.97 -15.55
N ARG B 146 23.28 18.35 -15.36
CA ARG B 146 22.73 19.56 -15.96
C ARG B 146 22.00 20.35 -14.88
N ILE B 147 22.76 20.84 -13.90
CA ILE B 147 22.18 21.75 -12.90
C ILE B 147 21.76 23.02 -13.60
N LEU B 148 20.50 23.40 -13.44
CA LEU B 148 19.93 24.51 -14.19
C LEU B 148 20.71 25.79 -13.96
N GLY B 149 21.34 26.31 -15.02
CA GLY B 149 22.11 27.52 -14.96
C GLY B 149 23.58 27.34 -14.62
N LEU B 150 24.03 26.13 -14.31
CA LEU B 150 25.40 25.93 -13.86
C LEU B 150 26.11 24.77 -14.55
N GLY B 151 25.37 23.75 -14.94
CA GLY B 151 25.99 22.65 -15.64
C GLY B 151 26.32 21.46 -14.74
N ASP B 152 27.48 20.86 -14.96
CA ASP B 152 27.86 19.60 -14.31
C ASP B 152 28.49 19.90 -12.96
N LEU B 153 27.75 19.65 -11.87
CA LEU B 153 28.27 19.81 -10.53
C LEU B 153 28.61 18.47 -9.87
N GLY B 154 28.46 17.37 -10.59
CA GLY B 154 28.79 16.06 -10.06
C GLY B 154 28.06 15.79 -8.76
N CYS B 155 28.81 15.31 -7.78
CA CYS B 155 28.25 14.90 -6.51
C CYS B 155 27.77 16.09 -5.68
N TYR B 156 28.28 17.29 -5.97
CA TYR B 156 27.74 18.49 -5.35
C TYR B 156 26.31 18.76 -5.77
N GLY B 157 25.81 18.08 -6.80
CA GLY B 157 24.43 18.17 -7.19
C GLY B 157 23.43 17.68 -6.17
N MET B 158 23.90 17.00 -5.11
CA MET B 158 23.00 16.53 -4.05
C MET B 158 22.22 17.67 -3.42
N GLY B 159 22.78 18.88 -3.42
CA GLY B 159 22.06 20.02 -2.88
C GLY B 159 20.76 20.31 -3.60
N ILE B 160 20.64 19.91 -4.86
CA ILE B 160 19.47 20.28 -5.66
C ILE B 160 18.26 19.48 -5.22
N PRO B 161 18.32 18.14 -5.11
CA PRO B 161 17.14 17.42 -4.61
C PRO B 161 16.77 17.82 -3.19
N VAL B 162 17.77 18.13 -2.36
CA VAL B 162 17.49 18.59 -1.00
C VAL B 162 16.71 19.90 -1.03
N GLY B 163 17.13 20.85 -1.87
CA GLY B 163 16.40 22.10 -1.98
C GLY B 163 15.04 21.95 -2.64
N LYS B 164 14.96 21.09 -3.66
CA LYS B 164 13.67 20.88 -4.32
C LYS B 164 12.64 20.32 -3.35
N LEU B 165 13.07 19.38 -2.50
CA LEU B 165 12.16 18.79 -1.52
C LEU B 165 11.71 19.81 -0.49
N ALA B 166 12.55 20.80 -0.19
CA ALA B 166 12.12 21.86 0.72
C ALA B 166 10.93 22.63 0.14
N LEU B 167 10.87 22.76 -1.19
CA LEU B 167 9.74 23.42 -1.82
C LEU B 167 8.53 22.50 -1.94
N TYR B 168 8.74 21.19 -2.04
CA TYR B 168 7.63 20.25 -1.91
C TYR B 168 6.85 20.53 -0.63
N THR B 169 7.58 20.68 0.47
CA THR B 169 6.96 20.84 1.79
C THR B 169 6.50 22.26 2.02
N ALA B 170 7.36 23.25 1.75
CA ALA B 170 7.03 24.63 2.06
C ALA B 170 5.92 25.15 1.15
N CYS B 171 5.99 24.89 -0.17
CA CYS B 171 4.97 25.38 -1.08
C CYS B 171 3.74 24.48 -1.20
N GLY B 172 3.88 23.18 -1.01
CA GLY B 172 2.76 22.30 -1.24
C GLY B 172 2.22 21.61 -0.01
N GLY B 173 3.07 21.45 1.00
CA GLY B 173 2.66 20.76 2.21
C GLY B 173 2.92 19.28 2.22
N VAL B 174 3.77 18.77 1.33
CA VAL B 174 4.15 17.36 1.36
C VAL B 174 4.91 17.08 2.65
N ASN B 175 4.57 15.97 3.30
CA ASN B 175 5.24 15.51 4.51
C ASN B 175 6.73 15.33 4.27
N PRO B 176 7.60 16.15 4.89
CA PRO B 176 9.04 16.04 4.58
C PRO B 176 9.66 14.74 5.05
N GLN B 177 9.11 14.12 6.10
CA GLN B 177 9.65 12.88 6.62
C GLN B 177 9.48 11.73 5.63
N GLN B 178 8.52 11.84 4.72
CA GLN B 178 8.28 10.81 3.70
C GLN B 178 9.07 11.06 2.41
N CYS B 179 10.06 11.94 2.43
CA CYS B 179 10.74 12.42 1.23
C CYS B 179 12.20 12.00 1.30
N LEU B 180 12.78 11.57 0.17
CA LEU B 180 14.18 11.11 0.16
C LEU B 180 14.93 11.69 -1.03
N PRO B 181 15.96 12.51 -0.82
CA PRO B 181 16.77 12.97 -1.95
C PRO B 181 17.91 11.99 -2.23
N VAL B 182 18.19 11.79 -3.52
CA VAL B 182 19.20 10.84 -3.96
C VAL B 182 20.09 11.50 -5.00
N LEU B 183 21.40 11.33 -4.86
CA LEU B 183 22.38 11.71 -5.85
C LEU B 183 22.95 10.43 -6.44
N LEU B 184 22.86 10.27 -7.75
CA LEU B 184 23.51 9.17 -8.45
C LEU B 184 24.83 9.69 -9.00
N ASP B 185 25.94 9.15 -8.51
CA ASP B 185 27.28 9.58 -8.94
C ASP B 185 27.84 8.55 -9.90
N VAL B 186 27.90 8.90 -11.17
CA VAL B 186 28.52 8.07 -12.21
C VAL B 186 29.80 8.69 -12.72
N GLY B 187 30.29 9.72 -12.04
CA GLY B 187 31.44 10.49 -12.49
C GLY B 187 31.03 11.92 -12.79
N THR B 188 32.00 12.67 -13.31
CA THR B 188 31.73 14.04 -13.72
C THR B 188 32.65 14.41 -14.88
N ASN B 189 32.14 15.20 -15.81
CA ASN B 189 32.94 15.71 -16.91
C ASN B 189 33.37 17.15 -16.68
N ASN B 190 33.07 17.71 -15.51
CA ASN B 190 33.57 19.02 -15.12
C ASN B 190 35.04 18.91 -14.76
N GLU B 191 35.91 19.48 -15.61
CA GLU B 191 37.35 19.37 -15.40
C GLU B 191 37.80 20.06 -14.12
N GLU B 192 37.14 21.16 -13.75
CA GLU B 192 37.49 21.82 -12.50
C GLU B 192 37.25 20.90 -11.30
N LEU B 193 36.18 20.10 -11.34
CA LEU B 193 35.94 19.16 -10.24
C LEU B 193 36.92 18.00 -10.28
N LEU B 194 37.21 17.49 -11.48
CA LEU B 194 38.15 16.36 -11.60
C LEU B 194 39.54 16.73 -11.08
N ARG B 195 39.93 18.00 -11.19
CA ARG B 195 41.24 18.45 -10.73
C ARG B 195 41.19 19.14 -9.37
N ASP B 196 40.02 19.19 -8.73
CA ASP B 196 39.86 19.86 -7.44
C ASP B 196 40.32 18.93 -6.32
N PRO B 197 41.35 19.28 -5.55
CA PRO B 197 41.75 18.42 -4.43
C PRO B 197 40.66 18.23 -3.39
N LEU B 198 39.75 19.18 -3.26
CA LEU B 198 38.69 19.09 -2.25
C LEU B 198 37.41 18.44 -2.76
N TYR B 199 37.31 18.12 -4.05
CA TYR B 199 36.09 17.51 -4.56
C TYR B 199 35.91 16.12 -3.97
N ILE B 200 34.67 15.79 -3.58
CA ILE B 200 34.41 14.59 -2.82
C ILE B 200 33.57 13.57 -3.60
N GLY B 201 33.36 13.80 -4.90
CA GLY B 201 32.67 12.84 -5.74
C GLY B 201 33.65 11.93 -6.47
N LEU B 202 33.09 11.10 -7.36
CA LEU B 202 33.92 10.18 -8.14
C LEU B 202 34.78 10.98 -9.11
N LYS B 203 36.09 10.80 -9.03
CA LYS B 203 37.02 11.55 -9.87
C LYS B 203 37.35 10.79 -11.17
N HIS B 204 36.32 10.58 -11.97
CA HIS B 204 36.50 10.08 -13.32
C HIS B 204 35.37 10.61 -14.18
N GLN B 205 35.56 10.54 -15.49
CA GLN B 205 34.54 11.00 -16.41
C GLN B 205 33.26 10.17 -16.23
N ARG B 206 32.15 10.73 -16.71
CA ARG B 206 30.84 10.12 -16.51
C ARG B 206 30.71 8.80 -17.25
N VAL B 207 30.31 7.75 -16.52
CA VAL B 207 29.91 6.50 -17.16
C VAL B 207 28.64 6.76 -17.98
N HIS B 208 28.60 6.23 -19.20
CA HIS B 208 27.49 6.48 -20.11
C HIS B 208 27.14 5.19 -20.85
N GLY B 209 26.14 5.28 -21.73
CA GLY B 209 25.67 4.12 -22.44
C GLY B 209 24.80 3.23 -21.56
N LYS B 210 24.72 1.95 -21.92
CA LYS B 210 23.80 1.04 -21.24
C LYS B 210 24.24 0.75 -19.81
N ALA B 211 25.54 0.85 -19.51
CA ALA B 211 25.97 0.69 -18.12
C ALA B 211 25.31 1.73 -17.22
N TYR B 212 25.22 2.97 -17.72
CA TYR B 212 24.49 4.01 -17.02
C TYR B 212 23.01 3.66 -16.90
N ASP B 213 22.40 3.24 -18.01
CA ASP B 213 20.98 2.91 -17.97
C ASP B 213 20.68 1.74 -17.05
N ASP B 214 21.62 0.78 -16.94
CA ASP B 214 21.42 -0.35 -16.03
C ASP B 214 21.39 0.11 -14.58
N LEU B 215 22.24 1.06 -14.21
CA LEU B 215 22.19 1.61 -12.86
C LEU B 215 20.85 2.28 -12.58
N LEU B 216 20.36 3.07 -13.54
CA LEU B 216 19.06 3.72 -13.35
C LEU B 216 17.94 2.69 -13.24
N ASP B 217 18.00 1.63 -14.06
CA ASP B 217 17.01 0.56 -13.96
C ASP B 217 17.01 -0.07 -12.56
N GLU B 218 18.20 -0.36 -12.02
CA GLU B 218 18.27 -0.97 -10.70
C GLU B 218 17.81 -0.01 -9.62
N PHE B 219 18.09 1.28 -9.79
CA PHE B 219 17.59 2.28 -8.85
C PHE B 219 16.07 2.28 -8.79
N MET B 220 15.40 2.36 -9.95
CA MET B 220 13.93 2.36 -9.95
C MET B 220 13.39 1.07 -9.35
N GLN B 221 14.02 -0.06 -9.66
CA GLN B 221 13.57 -1.35 -9.12
C GLN B 221 13.74 -1.39 -7.61
N ALA B 222 14.91 -0.97 -7.12
CA ALA B 222 15.18 -1.08 -5.68
C ALA B 222 14.28 -0.15 -4.88
N VAL B 223 14.08 1.08 -5.36
CA VAL B 223 13.25 2.04 -4.63
C VAL B 223 11.82 1.52 -4.51
N THR B 224 11.26 1.00 -5.61
CA THR B 224 9.87 0.55 -5.56
C THR B 224 9.74 -0.81 -4.88
N ASP B 225 10.79 -1.64 -4.93
CA ASP B 225 10.78 -2.89 -4.15
C ASP B 225 10.65 -2.59 -2.66
N LYS B 226 11.34 -1.58 -2.17
CA LYS B 226 11.37 -1.29 -0.74
C LYS B 226 10.20 -0.41 -0.30
N PHE B 227 9.94 0.67 -1.04
CA PHE B 227 8.92 1.63 -0.64
C PHE B 227 7.59 1.44 -1.34
N GLY B 228 7.50 0.52 -2.28
CA GLY B 228 6.25 0.33 -3.00
C GLY B 228 6.26 0.99 -4.37
N ILE B 229 5.56 0.35 -5.32
CA ILE B 229 5.46 0.84 -6.69
C ILE B 229 4.78 2.21 -6.75
N ASN B 230 4.02 2.58 -5.72
CA ASN B 230 3.35 3.88 -5.69
C ASN B 230 4.30 5.02 -5.35
N CYS B 231 5.54 4.73 -5.00
CA CYS B 231 6.42 5.80 -4.52
C CYS B 231 6.72 6.74 -5.67
N LEU B 232 6.56 8.04 -5.44
CA LEU B 232 6.82 9.03 -6.47
C LEU B 232 8.32 9.21 -6.64
N ILE B 233 8.79 9.19 -7.89
CA ILE B 233 10.20 9.39 -8.21
C ILE B 233 10.28 10.51 -9.23
N GLN B 234 10.82 11.66 -8.84
CA GLN B 234 10.91 12.83 -9.70
C GLN B 234 12.36 13.03 -10.13
N PHE B 235 12.58 13.12 -11.44
CA PHE B 235 13.91 13.30 -12.01
C PHE B 235 14.18 14.79 -12.16
N GLU B 236 15.40 15.21 -11.80
CA GLU B 236 15.76 16.61 -11.80
C GLU B 236 17.16 16.79 -12.37
N ASP B 237 17.31 17.74 -13.29
CA ASP B 237 18.62 18.22 -13.76
C ASP B 237 19.47 17.12 -14.41
N PHE B 238 18.81 16.25 -15.17
CA PHE B 238 19.49 15.34 -16.08
C PHE B 238 19.75 16.05 -17.41
N ALA B 239 20.75 15.56 -18.14
CA ALA B 239 21.05 16.11 -19.46
C ALA B 239 19.91 15.83 -20.45
N ASN B 240 19.93 16.57 -21.56
CA ASN B 240 18.85 16.53 -22.54
CA ASN B 240 18.85 16.53 -22.54
C ASN B 240 18.49 15.11 -22.96
N ALA B 241 19.44 14.41 -23.61
CA ALA B 241 19.14 13.08 -24.16
C ALA B 241 18.71 12.11 -23.07
N ASN B 242 19.47 12.06 -21.96
CA ASN B 242 19.12 11.17 -20.86
C ASN B 242 17.72 11.48 -20.31
N ALA B 243 17.39 12.77 -20.16
CA ALA B 243 16.12 13.13 -19.55
C ALA B 243 14.94 12.56 -20.33
N PHE B 244 14.97 12.69 -21.67
CA PHE B 244 13.86 12.19 -22.48
C PHE B 244 13.82 10.67 -22.52
N ARG B 245 14.98 10.03 -22.69
CA ARG B 245 15.01 8.58 -22.74
C ARG B 245 14.48 7.97 -21.44
N LEU B 246 14.90 8.52 -20.30
CA LEU B 246 14.48 7.98 -19.01
C LEU B 246 13.00 8.25 -18.75
N LEU B 247 12.52 9.44 -19.11
CA LEU B 247 11.10 9.74 -18.97
C LEU B 247 10.25 8.77 -19.79
N ASN B 248 10.59 8.59 -21.07
CA ASN B 248 9.81 7.69 -21.91
C ASN B 248 9.92 6.24 -21.44
N LYS B 249 11.05 5.87 -20.85
CA LYS B 249 11.24 4.50 -20.40
C LYS B 249 10.45 4.19 -19.13
N TYR B 250 10.30 5.16 -18.23
CA TYR B 250 9.75 4.91 -16.90
C TYR B 250 8.34 5.45 -16.67
N ARG B 251 7.89 6.44 -17.44
CA ARG B 251 6.67 7.15 -17.07
C ARG B 251 5.43 6.26 -17.06
N ASN B 252 5.43 5.15 -17.81
CA ASN B 252 4.29 4.25 -17.81
C ASN B 252 4.55 2.99 -16.99
N LYS B 253 5.74 2.83 -16.45
CA LYS B 253 6.08 1.69 -15.61
C LYS B 253 6.09 2.04 -14.13
N TYR B 254 6.41 3.29 -13.80
CA TYR B 254 6.58 3.76 -12.43
C TYR B 254 5.75 5.02 -12.22
N CYS B 255 5.72 5.50 -10.99
CA CYS B 255 5.09 6.78 -10.68
C CYS B 255 6.19 7.83 -10.78
N MET B 256 6.33 8.42 -11.96
CA MET B 256 7.55 9.15 -12.29
C MET B 256 7.23 10.36 -13.16
N PHE B 257 7.96 11.45 -12.95
CA PHE B 257 7.96 12.55 -13.90
C PHE B 257 9.29 13.28 -13.82
N ASN B 258 9.52 14.13 -14.82
CA ASN B 258 10.71 14.97 -14.90
C ASN B 258 10.23 16.42 -14.88
N ASP B 259 10.65 17.17 -13.86
CA ASP B 259 10.11 18.51 -13.68
C ASP B 259 10.69 19.49 -14.69
N ASP B 260 11.91 19.25 -15.16
CA ASP B 260 12.50 20.15 -16.15
C ASP B 260 11.75 20.07 -17.48
N ILE B 261 11.27 18.90 -17.85
CA ILE B 261 10.51 18.72 -19.07
C ILE B 261 9.05 19.07 -18.80
N GLN B 262 8.43 18.40 -17.84
CA GLN B 262 6.97 18.47 -17.73
C GLN B 262 6.49 19.59 -16.82
N GLY B 263 7.25 19.93 -15.79
CA GLY B 263 6.85 21.03 -14.92
C GLY B 263 6.97 22.37 -15.62
N THR B 264 8.11 22.63 -16.26
CA THR B 264 8.25 23.82 -17.09
C THR B 264 7.15 23.90 -18.15
N ALA B 265 6.83 22.77 -18.78
CA ALA B 265 5.76 22.75 -19.78
C ALA B 265 4.46 23.29 -19.18
N SER B 266 4.08 22.77 -18.02
CA SER B 266 2.82 23.15 -17.39
C SER B 266 2.81 24.64 -17.05
N VAL B 267 3.91 25.17 -16.51
CA VAL B 267 3.87 26.57 -16.11
C VAL B 267 3.90 27.48 -17.33
N ALA B 268 4.60 27.09 -18.40
CA ALA B 268 4.59 27.90 -19.62
C ALA B 268 3.22 27.92 -20.26
N VAL B 269 2.58 26.75 -20.38
CA VAL B 269 1.26 26.69 -20.98
C VAL B 269 0.25 27.45 -20.12
N ALA B 270 0.42 27.40 -18.80
CA ALA B 270 -0.44 28.18 -17.90
C ALA B 270 -0.35 29.67 -18.22
N GLY B 271 0.85 30.15 -18.53
CA GLY B 271 0.99 31.54 -18.92
C GLY B 271 0.33 31.84 -20.26
N ILE B 272 0.47 30.93 -21.23
CA ILE B 272 -0.19 31.11 -22.52
C ILE B 272 -1.70 31.14 -22.34
N LEU B 273 -2.22 30.22 -21.54
CA LEU B 273 -3.67 30.16 -21.33
C LEU B 273 -4.19 31.43 -20.67
N ALA B 274 -3.41 31.98 -19.73
CA ALA B 274 -3.81 33.23 -19.10
C ALA B 274 -3.73 34.40 -20.07
N ALA B 275 -2.74 34.39 -20.97
CA ALA B 275 -2.65 35.45 -21.96
C ALA B 275 -3.84 35.44 -22.92
N LEU B 276 -4.45 34.27 -23.13
CA LEU B 276 -5.62 34.20 -24.00
C LEU B 276 -6.78 35.01 -23.44
N ARG B 277 -6.82 35.17 -22.12
CA ARG B 277 -7.83 36.01 -21.50
C ARG B 277 -7.62 37.48 -21.82
N ILE B 278 -6.42 37.85 -22.27
CA ILE B 278 -6.13 39.21 -22.72
C ILE B 278 -6.27 39.35 -24.22
N THR B 279 -5.69 38.40 -24.98
CA THR B 279 -5.81 38.48 -26.43
C THR B 279 -7.24 38.18 -26.89
N LYS B 280 -8.03 37.52 -26.06
CA LYS B 280 -9.44 37.22 -26.36
C LYS B 280 -9.57 36.54 -27.72
N ASN B 281 -8.74 35.52 -27.93
CA ASN B 281 -8.88 34.66 -29.09
C ASN B 281 -8.61 33.22 -28.66
N LYS B 282 -8.82 32.32 -29.60
CA LYS B 282 -8.66 30.90 -29.35
C LYS B 282 -7.20 30.48 -29.53
N LEU B 283 -6.83 29.44 -28.80
CA LEU B 283 -5.48 28.90 -28.93
C LEU B 283 -5.18 28.45 -30.35
N SER B 284 -6.21 28.02 -31.09
CA SER B 284 -6.04 27.56 -32.46
C SER B 284 -5.63 28.67 -33.42
N ASN B 285 -5.78 29.93 -33.02
CA ASN B 285 -5.41 31.06 -33.86
C ASN B 285 -3.97 31.49 -33.67
N HIS B 286 -3.18 30.76 -32.89
CA HIS B 286 -1.84 31.18 -32.54
C HIS B 286 -0.80 30.41 -33.33
N VAL B 287 0.36 31.05 -33.49
CA VAL B 287 1.54 30.46 -34.12
C VAL B 287 2.72 30.73 -33.20
N PHE B 288 3.44 29.65 -32.84
CA PHE B 288 4.47 29.71 -31.81
C PHE B 288 5.85 29.55 -32.43
N VAL B 289 6.77 30.43 -32.06
CA VAL B 289 8.18 30.28 -32.39
C VAL B 289 8.94 30.07 -31.09
N PHE B 290 9.74 29.00 -31.04
CA PHE B 290 10.52 28.66 -29.87
C PHE B 290 11.98 29.04 -30.11
N GLN B 291 12.54 29.80 -29.18
CA GLN B 291 13.98 30.05 -29.13
C GLN B 291 14.57 29.00 -28.18
N GLY B 292 15.10 27.93 -28.75
CA GLY B 292 15.59 26.80 -27.97
C GLY B 292 14.90 25.50 -28.32
N ALA B 293 15.60 24.37 -28.12
CA ALA B 293 15.05 23.07 -28.49
C ALA B 293 15.46 21.98 -27.51
N GLY B 294 15.72 22.34 -26.26
CA GLY B 294 16.11 21.37 -25.25
C GLY B 294 14.92 20.81 -24.50
N GLU B 295 15.20 20.33 -23.28
CA GLU B 295 14.18 19.67 -22.46
C GLU B 295 12.94 20.55 -22.28
N ALA B 296 13.14 21.78 -21.81
CA ALA B 296 12.01 22.67 -21.55
C ALA B 296 11.23 22.98 -22.83
N ALA B 297 11.95 23.29 -23.92
CA ALA B 297 11.28 23.66 -25.16
C ALA B 297 10.41 22.53 -25.68
N MET B 298 10.94 21.30 -25.66
CA MET B 298 10.18 20.15 -26.13
C MET B 298 8.99 19.87 -25.23
N GLY B 299 9.19 19.95 -23.91
CA GLY B 299 8.07 19.74 -23.00
C GLY B 299 6.94 20.71 -23.25
N ILE B 300 7.28 22.00 -23.41
CA ILE B 300 6.28 23.03 -23.65
C ILE B 300 5.55 22.78 -24.96
N ALA B 301 6.33 22.53 -26.03
CA ALA B 301 5.72 22.29 -27.34
C ALA B 301 4.81 21.08 -27.31
N HIS B 302 5.23 20.01 -26.63
CA HIS B 302 4.38 18.82 -26.54
CA HIS B 302 4.38 18.81 -26.53
C HIS B 302 3.08 19.12 -25.80
N LEU B 303 3.16 19.86 -24.69
CA LEU B 303 1.94 20.18 -23.95
C LEU B 303 1.06 21.17 -24.71
N LEU B 304 1.66 22.07 -25.48
CA LEU B 304 0.89 22.97 -26.33
C LEU B 304 0.09 22.19 -27.37
N VAL B 305 0.70 21.16 -27.98
CA VAL B 305 -0.01 20.34 -28.94
C VAL B 305 -1.22 19.67 -28.28
N MET B 306 -1.04 19.19 -27.04
CA MET B 306 -2.14 18.54 -26.34
C MET B 306 -3.26 19.54 -26.05
N ALA B 307 -2.90 20.77 -25.68
CA ALA B 307 -3.90 21.81 -25.47
C ALA B 307 -4.64 22.14 -26.76
N LEU B 308 -3.93 22.18 -27.89
CA LEU B 308 -4.59 22.43 -29.17
C LEU B 308 -5.53 21.29 -29.54
N GLU B 309 -5.12 20.04 -29.27
CA GLU B 309 -6.00 18.91 -29.53
C GLU B 309 -7.27 19.00 -28.70
N LYS B 310 -7.16 19.48 -27.46
CA LYS B 310 -8.33 19.65 -26.60
C LYS B 310 -9.34 20.62 -27.23
N GLU B 311 -8.85 21.62 -27.96
CA GLU B 311 -9.73 22.58 -28.61
C GLU B 311 -10.26 22.07 -29.95
N GLY B 312 -9.89 20.86 -30.36
CA GLY B 312 -10.40 20.28 -31.59
C GLY B 312 -9.46 20.33 -32.77
N VAL B 313 -8.21 20.74 -32.58
CA VAL B 313 -7.23 20.80 -33.66
C VAL B 313 -6.55 19.42 -33.75
N PRO B 314 -6.55 18.77 -34.91
CA PRO B 314 -5.89 17.46 -35.03
C PRO B 314 -4.39 17.60 -34.81
N LYS B 315 -3.78 16.50 -34.34
CA LYS B 315 -2.39 16.55 -33.88
C LYS B 315 -1.44 17.05 -34.96
N ALA B 316 -1.49 16.45 -36.16
CA ALA B 316 -0.57 16.86 -37.21
C ALA B 316 -0.73 18.34 -37.56
N GLU B 317 -1.98 18.83 -37.57
CA GLU B 317 -2.21 20.25 -37.81
C GLU B 317 -1.74 21.09 -36.63
N ALA B 318 -1.94 20.60 -35.40
CA ALA B 318 -1.47 21.33 -34.23
C ALA B 318 0.04 21.45 -34.22
N THR B 319 0.74 20.37 -34.58
CA THR B 319 2.20 20.39 -34.57
C THR B 319 2.76 21.45 -35.52
N ARG B 320 2.08 21.70 -36.64
CA ARG B 320 2.57 22.65 -37.63
C ARG B 320 2.46 24.10 -37.19
N LYS B 321 1.77 24.39 -36.09
CA LYS B 321 1.74 25.73 -35.52
C LYS B 321 2.97 26.03 -34.68
N ILE B 322 3.93 25.10 -34.59
CA ILE B 322 5.08 25.24 -33.71
C ILE B 322 6.34 25.26 -34.57
N TRP B 323 7.13 26.33 -34.43
CA TRP B 323 8.40 26.48 -35.11
C TRP B 323 9.50 26.60 -34.07
N MET B 324 10.57 25.80 -34.21
CA MET B 324 11.60 25.71 -33.20
C MET B 324 12.97 26.02 -33.78
N VAL B 325 13.74 26.81 -33.06
CA VAL B 325 15.06 27.27 -33.50
C VAL B 325 16.08 26.83 -32.46
N ASP B 326 17.06 26.03 -32.88
CA ASP B 326 18.15 25.67 -31.99
C ASP B 326 19.38 26.50 -32.36
N SER B 327 20.56 26.07 -31.91
CA SER B 327 21.77 26.86 -32.15
C SER B 327 22.22 26.78 -33.61
N LYS B 328 21.73 25.82 -34.37
CA LYS B 328 22.04 25.71 -35.80
C LYS B 328 21.01 26.40 -36.68
N GLY B 329 19.93 26.92 -36.12
CA GLY B 329 18.91 27.57 -36.92
C GLY B 329 17.53 26.93 -36.80
N LEU B 330 16.64 27.26 -37.72
CA LEU B 330 15.30 26.68 -37.71
C LEU B 330 15.38 25.17 -37.91
N ILE B 331 14.58 24.44 -37.13
CA ILE B 331 14.51 22.99 -37.28
C ILE B 331 13.57 22.67 -38.44
N VAL B 332 14.14 22.19 -39.55
CA VAL B 332 13.40 21.94 -40.78
C VAL B 332 13.67 20.51 -41.25
N LYS B 333 12.74 20.00 -42.04
CA LYS B 333 12.87 18.64 -42.56
C LYS B 333 14.14 18.51 -43.39
N GLY B 334 14.84 17.40 -43.19
CA GLY B 334 16.05 17.14 -43.94
C GLY B 334 17.27 17.91 -43.49
N ARG B 335 17.17 18.66 -42.41
CA ARG B 335 18.31 19.40 -41.90
C ARG B 335 19.27 18.48 -41.16
N SER B 336 20.55 18.86 -41.14
CA SER B 336 21.55 18.15 -40.36
C SER B 336 21.39 18.45 -38.87
N HIS B 337 22.00 17.60 -38.05
CA HIS B 337 22.06 17.79 -36.60
C HIS B 337 20.68 17.81 -35.96
N LEU B 338 19.88 16.79 -36.27
CA LEU B 338 18.56 16.62 -35.67
C LEU B 338 18.54 15.33 -34.85
N ASN B 339 17.58 15.25 -33.93
CA ASN B 339 17.38 14.04 -33.14
C ASN B 339 15.92 13.62 -33.17
N HIS B 340 15.56 12.64 -32.34
CA HIS B 340 14.20 12.10 -32.37
C HIS B 340 13.17 13.18 -32.02
N GLU B 341 13.43 13.94 -30.97
CA GLU B 341 12.47 14.96 -30.54
C GLU B 341 12.39 16.10 -31.54
N LYS B 342 13.53 16.53 -32.10
CA LYS B 342 13.53 17.65 -33.04
C LYS B 342 12.81 17.31 -34.33
N GLU B 343 12.90 16.06 -34.79
CA GLU B 343 12.23 15.68 -36.03
C GLU B 343 10.72 15.80 -35.92
N MET B 344 10.16 15.72 -34.71
CA MET B 344 8.72 15.80 -34.55
C MET B 344 8.19 17.18 -34.92
N PHE B 345 9.00 18.22 -34.75
CA PHE B 345 8.58 19.59 -35.03
C PHE B 345 9.27 20.18 -36.25
N ALA B 346 9.93 19.35 -37.05
CA ALA B 346 10.63 19.83 -38.24
C ALA B 346 9.63 20.31 -39.28
N GLN B 347 9.79 21.55 -39.72
CA GLN B 347 8.86 22.15 -40.67
C GLN B 347 9.34 21.93 -42.10
N ASP B 348 8.40 21.93 -43.04
CA ASP B 348 8.73 21.83 -44.46
C ASP B 348 9.08 23.22 -44.95
N HIS B 349 10.36 23.55 -44.90
CA HIS B 349 10.85 24.89 -45.20
C HIS B 349 12.35 24.80 -45.41
N PRO B 350 12.92 25.64 -46.28
CA PRO B 350 14.38 25.68 -46.41
C PRO B 350 15.03 26.16 -45.12
N GLU B 351 16.35 25.94 -45.04
CA GLU B 351 17.09 26.31 -43.85
C GLU B 351 17.01 27.81 -43.59
N VAL B 352 16.91 28.18 -42.32
CA VAL B 352 16.90 29.57 -41.88
C VAL B 352 17.84 29.67 -40.69
N ASN B 353 18.79 30.61 -40.77
CA ASN B 353 19.87 30.62 -39.79
C ASN B 353 19.49 31.34 -38.49
N SER B 354 18.73 32.43 -38.57
CA SER B 354 18.57 33.30 -37.41
C SER B 354 17.11 33.35 -36.93
N LEU B 355 16.95 33.63 -35.64
CA LEU B 355 15.63 33.80 -35.05
C LEU B 355 14.93 35.01 -35.65
N GLU B 356 15.69 36.08 -35.93
CA GLU B 356 15.08 37.28 -36.52
C GLU B 356 14.40 36.97 -37.85
N GLU B 357 15.06 36.16 -38.70
CA GLU B 357 14.47 35.83 -39.99
C GLU B 357 13.29 34.89 -39.84
N VAL B 358 13.36 33.96 -38.89
CA VAL B 358 12.21 33.08 -38.64
C VAL B 358 11.00 33.90 -38.22
N VAL B 359 11.20 34.87 -37.33
CA VAL B 359 10.10 35.74 -36.89
C VAL B 359 9.48 36.45 -38.10
N ARG B 360 10.31 36.92 -39.03
CA ARG B 360 9.79 37.62 -40.20
C ARG B 360 9.10 36.68 -41.18
N LEU B 361 9.58 35.44 -41.30
CA LEU B 361 8.96 34.50 -42.21
C LEU B 361 7.67 33.93 -41.63
N VAL B 362 7.67 33.65 -40.34
CA VAL B 362 6.54 32.96 -39.70
C VAL B 362 5.50 33.94 -39.17
N LYS B 363 5.92 35.13 -38.74
CA LYS B 363 5.05 36.12 -38.12
C LYS B 363 4.26 35.50 -36.95
N PRO B 364 4.94 34.99 -35.93
CA PRO B 364 4.24 34.30 -34.85
C PRO B 364 3.46 35.26 -33.96
N THR B 365 2.42 34.71 -33.34
CA THR B 365 1.69 35.44 -32.31
C THR B 365 2.36 35.33 -30.95
N ALA B 366 3.25 34.37 -30.78
CA ALA B 366 3.89 34.13 -29.49
C ALA B 366 5.30 33.62 -29.72
N ILE B 367 6.24 34.14 -28.95
CA ILE B 367 7.63 33.69 -29.00
C ILE B 367 8.02 33.25 -27.60
N ILE B 368 8.64 32.08 -27.49
CA ILE B 368 8.99 31.49 -26.21
C ILE B 368 10.48 31.14 -26.24
N GLY B 369 11.25 31.77 -25.37
CA GLY B 369 12.69 31.57 -25.30
C GLY B 369 13.07 30.81 -24.04
N VAL B 370 13.88 29.76 -24.22
CA VAL B 370 14.34 28.97 -23.09
C VAL B 370 15.80 28.57 -23.30
N ALA B 371 16.43 29.17 -24.30
CA ALA B 371 17.78 28.77 -24.70
C ALA B 371 18.89 29.46 -23.92
N ALA B 372 18.56 30.41 -23.04
CA ALA B 372 19.53 31.10 -22.19
C ALA B 372 20.57 31.85 -23.03
N ILE B 373 20.11 32.45 -24.13
CA ILE B 373 20.93 33.33 -24.95
C ILE B 373 20.48 34.76 -24.65
N ALA B 374 21.34 35.53 -24.00
CA ALA B 374 20.97 36.88 -23.58
C ALA B 374 20.67 37.75 -24.80
N GLY B 375 19.59 38.54 -24.70
CA GLY B 375 19.25 39.49 -25.74
C GLY B 375 18.77 38.89 -27.04
N ALA B 376 18.43 37.60 -27.07
CA ALA B 376 17.94 36.99 -28.31
C ALA B 376 16.68 37.68 -28.83
N PHE B 377 15.83 38.20 -27.95
CA PHE B 377 14.66 38.95 -28.38
C PHE B 377 15.10 40.38 -28.63
N THR B 378 15.59 40.61 -29.85
CA THR B 378 16.16 41.90 -30.21
C THR B 378 15.05 42.93 -30.36
N GLU B 379 15.48 44.19 -30.46
CA GLU B 379 14.52 45.26 -30.69
C GLU B 379 13.74 45.04 -31.99
N GLN B 380 14.42 44.53 -33.02
CA GLN B 380 13.74 44.25 -34.29
C GLN B 380 12.67 43.17 -34.11
N ILE B 381 12.98 42.11 -33.36
CA ILE B 381 12.00 41.05 -33.12
C ILE B 381 10.79 41.61 -32.41
N LEU B 382 11.01 42.38 -31.34
CA LEU B 382 9.90 42.96 -30.60
C LEU B 382 9.08 43.89 -31.47
N ARG B 383 9.76 44.69 -32.32
CA ARG B 383 9.06 45.59 -33.22
C ARG B 383 8.26 44.82 -34.27
N ASP B 384 8.85 43.76 -34.83
CA ASP B 384 8.14 42.97 -35.83
C ASP B 384 6.87 42.36 -35.24
N MET B 385 6.97 41.78 -34.05
CA MET B 385 5.81 41.11 -33.49
CA MET B 385 5.83 41.12 -33.43
C MET B 385 4.72 42.11 -33.12
N ALA B 386 5.09 43.29 -32.63
CA ALA B 386 4.09 44.31 -32.34
C ALA B 386 3.46 44.87 -33.60
N SER B 387 4.11 44.71 -34.76
CA SER B 387 3.50 45.11 -36.02
C SER B 387 2.66 44.00 -36.64
N PHE B 388 2.98 42.73 -36.35
CA PHE B 388 2.21 41.63 -36.91
C PHE B 388 0.88 41.44 -36.19
N HIS B 389 0.86 41.67 -34.88
CA HIS B 389 -0.32 41.36 -34.08
C HIS B 389 -0.54 42.45 -33.05
N GLU B 390 -1.81 42.60 -32.64
CA GLU B 390 -2.17 43.65 -31.71
CA GLU B 390 -2.19 43.64 -31.70
C GLU B 390 -1.54 43.43 -30.34
N ARG B 391 -1.63 42.21 -29.81
CA ARG B 391 -1.10 41.87 -28.48
C ARG B 391 -0.18 40.67 -28.59
N PRO B 392 1.06 40.86 -29.03
CA PRO B 392 1.99 39.74 -29.12
C PRO B 392 2.41 39.24 -27.74
N ILE B 393 2.64 37.93 -27.66
CA ILE B 393 3.02 37.26 -26.42
C ILE B 393 4.53 37.05 -26.45
N ILE B 394 5.23 37.52 -25.42
CA ILE B 394 6.69 37.52 -25.36
C ILE B 394 7.11 36.83 -24.07
N PHE B 395 7.57 35.58 -24.18
CA PHE B 395 7.96 34.80 -23.01
C PHE B 395 9.48 34.62 -23.02
N ALA B 396 10.16 35.41 -22.19
CA ALA B 396 11.62 35.32 -22.02
C ALA B 396 11.86 34.50 -20.76
N LEU B 397 11.82 33.19 -20.91
CA LEU B 397 11.76 32.31 -19.74
C LEU B 397 13.13 31.85 -19.25
N SER B 398 14.21 32.23 -19.94
CA SER B 398 15.54 31.73 -19.56
C SER B 398 16.03 32.36 -18.26
N ASN B 399 16.81 31.57 -17.51
CA ASN B 399 17.47 31.90 -16.26
C ASN B 399 18.98 31.90 -16.44
N PRO B 400 19.72 32.72 -15.70
CA PRO B 400 19.20 33.72 -14.76
C PRO B 400 18.83 35.01 -15.48
N THR B 401 18.71 36.11 -14.72
CA THR B 401 18.35 37.38 -15.32
C THR B 401 19.34 37.80 -16.40
N SER B 402 20.63 37.52 -16.18
CA SER B 402 21.66 37.92 -17.14
C SER B 402 21.54 37.15 -18.45
N LYS B 403 20.80 36.05 -18.49
CA LYS B 403 20.64 35.26 -19.71
C LYS B 403 19.25 35.39 -20.30
N ALA B 404 18.42 36.31 -19.81
CA ALA B 404 17.07 36.48 -20.33
C ALA B 404 17.08 36.98 -21.77
N GLU B 405 16.12 36.51 -22.56
CA GLU B 405 16.03 36.91 -23.97
C GLU B 405 15.78 38.40 -24.12
N CYS B 406 15.06 39.01 -23.19
CA CYS B 406 14.97 40.46 -23.09
C CYS B 406 14.47 40.79 -21.69
N THR B 407 14.59 42.06 -21.32
CA THR B 407 14.03 42.51 -20.07
C THR B 407 12.56 42.84 -20.25
N ALA B 408 11.84 42.91 -19.12
CA ALA B 408 10.45 43.33 -19.17
C ALA B 408 10.32 44.75 -19.71
N GLU B 409 11.21 45.65 -19.27
CA GLU B 409 11.13 47.04 -19.70
C GLU B 409 11.33 47.18 -21.21
N LYS B 410 12.28 46.42 -21.76
CA LYS B 410 12.50 46.51 -23.21
C LYS B 410 11.30 46.01 -23.98
N CYS B 411 10.67 44.92 -23.50
CA CYS B 411 9.48 44.41 -24.17
C CYS B 411 8.36 45.44 -24.18
N TYR B 412 8.07 46.03 -23.02
CA TYR B 412 6.95 46.96 -22.94
C TYR B 412 7.24 48.24 -23.71
N ARG B 413 8.48 48.74 -23.64
CA ARG B 413 8.81 49.98 -24.33
C ARG B 413 8.76 49.80 -25.85
N VAL B 414 9.41 48.76 -26.37
CA VAL B 414 9.53 48.60 -27.81
C VAL B 414 8.17 48.23 -28.43
N THR B 415 7.38 47.42 -27.75
CA THR B 415 6.04 47.09 -28.24
C THR B 415 5.02 48.16 -27.91
N GLU B 416 5.45 49.30 -27.35
CA GLU B 416 4.57 50.41 -27.03
C GLU B 416 3.45 49.99 -26.07
N GLY B 417 3.80 49.14 -25.11
CA GLY B 417 2.88 48.71 -24.08
C GLY B 417 1.89 47.64 -24.47
N ARG B 418 2.04 47.04 -25.66
CA ARG B 418 1.08 46.05 -26.13
C ARG B 418 1.57 44.62 -26.03
N GLY B 419 2.88 44.41 -25.81
CA GLY B 419 3.38 43.06 -25.65
C GLY B 419 2.98 42.48 -24.31
N ILE B 420 2.57 41.21 -24.33
CA ILE B 420 2.22 40.48 -23.12
C ILE B 420 3.45 39.67 -22.70
N PHE B 421 3.95 39.96 -21.50
CA PHE B 421 5.28 39.49 -21.11
C PHE B 421 5.22 38.58 -19.90
N ALA B 422 6.06 37.53 -19.94
CA ALA B 422 6.37 36.73 -18.76
C ALA B 422 7.83 36.32 -18.86
N SER B 423 8.44 36.08 -17.70
CA SER B 423 9.85 35.72 -17.65
C SER B 423 10.05 34.58 -16.66
N GLY B 424 11.24 33.99 -16.71
CA GLY B 424 11.62 32.99 -15.74
C GLY B 424 12.30 33.61 -14.52
N SER B 425 12.84 34.84 -14.70
CA SER B 425 13.51 35.60 -13.65
C SER B 425 12.59 36.69 -13.13
N PRO B 426 12.72 37.07 -11.86
CA PRO B 426 11.86 38.13 -11.31
C PRO B 426 12.26 39.50 -11.84
N PHE B 427 11.33 40.16 -12.50
CA PHE B 427 11.47 41.54 -12.94
C PHE B 427 10.55 42.43 -12.12
N LYS B 428 11.05 43.58 -11.70
CA LYS B 428 10.25 44.53 -10.97
C LYS B 428 9.20 45.17 -11.88
N SER B 429 8.27 45.89 -11.28
CA SER B 429 7.24 46.59 -12.04
C SER B 429 7.88 47.58 -13.01
N VAL B 430 7.19 47.81 -14.13
CA VAL B 430 7.67 48.71 -15.17
C VAL B 430 6.63 49.79 -15.39
N THR B 431 7.08 51.04 -15.38
CA THR B 431 6.24 52.19 -15.72
C THR B 431 6.86 52.90 -16.91
N LEU B 432 6.15 52.92 -18.03
CA LEU B 432 6.63 53.59 -19.23
C LEU B 432 6.50 55.10 -19.08
N GLU B 433 7.04 55.82 -20.06
CA GLU B 433 7.03 57.29 -20.01
C GLU B 433 5.62 57.85 -20.11
N ASP B 434 4.72 57.18 -20.85
CA ASP B 434 3.35 57.65 -20.99
C ASP B 434 2.47 57.31 -19.80
N GLY B 435 3.01 56.68 -18.75
CA GLY B 435 2.26 56.38 -17.55
C GLY B 435 1.79 54.96 -17.41
N LYS B 436 1.81 54.17 -18.48
CA LYS B 436 1.36 52.79 -18.42
C LYS B 436 2.25 51.99 -17.47
N THR B 437 1.62 51.21 -16.60
CA THR B 437 2.30 50.40 -15.60
C THR B 437 2.02 48.93 -15.84
N PHE B 438 3.05 48.10 -15.69
CA PHE B 438 2.94 46.66 -15.89
C PHE B 438 3.59 45.93 -14.72
N ILE B 439 3.00 44.80 -14.33
CA ILE B 439 3.56 43.96 -13.28
C ILE B 439 3.83 42.59 -13.89
N PRO B 440 4.98 42.37 -14.50
CA PRO B 440 5.23 41.11 -15.20
C PRO B 440 5.35 39.94 -14.23
N GLY B 441 4.73 38.82 -14.60
CA GLY B 441 4.78 37.65 -13.77
C GLY B 441 5.97 36.76 -14.08
N GLN B 442 6.30 35.89 -13.13
CA GLN B 442 7.41 34.96 -13.25
C GLN B 442 6.86 33.55 -13.39
N GLY B 443 7.25 32.87 -14.47
CA GLY B 443 6.86 31.49 -14.68
C GLY B 443 7.65 30.49 -13.84
N ASN B 444 7.33 30.42 -12.55
CA ASN B 444 8.08 29.62 -11.59
C ASN B 444 7.57 28.18 -11.60
N ASN B 445 8.49 27.21 -11.69
CA ASN B 445 8.08 25.81 -11.66
C ASN B 445 7.40 25.42 -10.35
N ALA B 446 7.63 26.19 -9.28
CA ALA B 446 6.98 25.93 -8.00
C ALA B 446 5.48 26.12 -8.04
N TYR B 447 4.92 26.73 -9.09
CA TYR B 447 3.46 26.76 -9.24
C TYR B 447 2.90 25.37 -9.50
N VAL B 448 3.72 24.42 -9.94
CA VAL B 448 3.26 23.16 -10.53
C VAL B 448 3.63 21.95 -9.67
N PHE B 449 4.92 21.70 -9.47
CA PHE B 449 5.28 20.41 -8.90
C PHE B 449 4.81 20.19 -7.45
N PRO B 450 4.71 21.21 -6.59
CA PRO B 450 4.18 20.94 -5.23
C PRO B 450 2.76 20.38 -5.24
N GLY B 451 1.84 21.01 -5.96
CA GLY B 451 0.47 20.53 -5.99
C GLY B 451 0.32 19.19 -6.72
N VAL B 452 1.07 19.00 -7.80
CA VAL B 452 1.01 17.72 -8.50
C VAL B 452 1.51 16.61 -7.59
N ALA B 453 2.66 16.83 -6.93
CA ALA B 453 3.19 15.83 -6.01
C ALA B 453 2.22 15.55 -4.85
N LEU B 454 1.60 16.60 -4.31
CA LEU B 454 0.68 16.41 -3.19
C LEU B 454 -0.51 15.56 -3.60
N GLY B 455 -1.09 15.85 -4.77
CA GLY B 455 -2.21 15.04 -5.25
C GLY B 455 -1.80 13.62 -5.60
N VAL B 456 -0.65 13.46 -6.24
CA VAL B 456 -0.16 12.13 -6.58
C VAL B 456 0.08 11.30 -5.32
N ILE B 457 0.72 11.91 -4.32
CA ILE B 457 1.01 11.18 -3.09
C ILE B 457 -0.27 10.88 -2.32
N ALA B 458 -1.17 11.85 -2.24
CA ALA B 458 -2.42 11.66 -1.49
C ALA B 458 -3.25 10.52 -2.06
N GLY B 459 -3.31 10.41 -3.38
CA GLY B 459 -4.16 9.43 -4.02
C GLY B 459 -3.50 8.15 -4.47
N GLY B 460 -2.19 8.02 -4.29
CA GLY B 460 -1.49 6.89 -4.88
C GLY B 460 -1.67 6.82 -6.38
N ILE B 461 -1.56 7.97 -7.06
CA ILE B 461 -1.74 8.02 -8.50
C ILE B 461 -0.60 7.23 -9.16
N ARG B 462 -0.97 6.17 -9.90
CA ARG B 462 0.01 5.17 -10.31
C ARG B 462 1.00 5.73 -11.32
N HIS B 463 0.51 6.51 -12.29
CA HIS B 463 1.36 7.14 -13.29
C HIS B 463 0.83 8.55 -13.53
N ILE B 464 1.68 9.39 -14.10
CA ILE B 464 1.34 10.80 -14.27
C ILE B 464 1.27 11.14 -15.75
N PRO B 465 0.11 11.00 -16.39
CA PRO B 465 0.00 11.38 -17.81
C PRO B 465 0.07 12.89 -17.97
N ASP B 466 0.42 13.32 -19.19
CA ASP B 466 0.57 14.75 -19.41
C ASP B 466 -0.75 15.50 -19.27
N GLU B 467 -1.89 14.82 -19.37
CA GLU B 467 -3.16 15.48 -19.10
C GLU B 467 -3.20 16.09 -17.70
N ILE B 468 -2.47 15.48 -16.75
CA ILE B 468 -2.39 16.04 -15.40
C ILE B 468 -1.64 17.37 -15.42
N PHE B 469 -0.59 17.47 -16.23
CA PHE B 469 0.11 18.75 -16.33
C PHE B 469 -0.69 19.77 -17.10
N LEU B 470 -1.53 19.33 -18.04
CA LEU B 470 -2.39 20.26 -18.76
C LEU B 470 -3.50 20.80 -17.86
N LEU B 471 -4.15 19.92 -17.08
CA LEU B 471 -5.18 20.44 -16.18
C LEU B 471 -4.58 21.31 -15.09
N THR B 472 -3.35 21.02 -14.68
CA THR B 472 -2.67 21.89 -13.72
C THR B 472 -2.43 23.27 -14.32
N ALA B 473 -1.99 23.32 -15.59
CA ALA B 473 -1.87 24.60 -16.27
C ALA B 473 -3.19 25.35 -16.31
N GLU B 474 -4.29 24.63 -16.60
CA GLU B 474 -5.60 25.28 -16.66
C GLU B 474 -6.01 25.84 -15.31
N GLN B 475 -5.72 25.11 -14.23
CA GLN B 475 -6.03 25.61 -12.89
C GLN B 475 -5.22 26.86 -12.56
N ILE B 476 -3.93 26.87 -12.93
CA ILE B 476 -3.09 28.03 -12.62
C ILE B 476 -3.59 29.26 -13.38
N ALA B 477 -3.95 29.08 -14.66
CA ALA B 477 -4.41 30.21 -15.46
C ALA B 477 -5.67 30.86 -14.89
N GLN B 478 -6.52 30.08 -14.24
CA GLN B 478 -7.75 30.65 -13.69
C GLN B 478 -7.55 31.22 -12.29
N GLU B 479 -6.41 30.97 -11.65
CA GLU B 479 -6.08 31.64 -10.39
C GLU B 479 -5.83 33.13 -10.59
N VAL B 480 -5.45 33.54 -11.79
CA VAL B 480 -5.17 34.94 -12.06
C VAL B 480 -6.46 35.74 -12.06
N SER B 481 -6.50 36.80 -11.26
CA SER B 481 -7.69 37.64 -11.18
C SER B 481 -7.76 38.60 -12.36
N GLU B 482 -8.96 39.13 -12.59
CA GLU B 482 -9.15 40.09 -13.67
C GLU B 482 -8.32 41.34 -13.44
N GLN B 483 -8.17 41.77 -12.18
CA GLN B 483 -7.34 42.95 -11.90
C GLN B 483 -5.88 42.67 -12.22
N HIS B 484 -5.40 41.47 -11.90
CA HIS B 484 -4.02 41.12 -12.21
C HIS B 484 -3.77 41.11 -13.71
N LEU B 485 -4.73 40.59 -14.49
CA LEU B 485 -4.60 40.58 -15.93
C LEU B 485 -4.50 41.99 -16.49
N SER B 486 -5.29 42.92 -15.95
CA SER B 486 -5.21 44.30 -16.42
C SER B 486 -3.87 44.93 -16.09
N GLN B 487 -3.12 44.37 -15.13
CA GLN B 487 -1.76 44.82 -14.83
C GLN B 487 -0.70 44.09 -15.64
N GLY B 488 -1.10 43.13 -16.48
CA GLY B 488 -0.15 42.35 -17.25
C GLY B 488 0.41 41.14 -16.53
N ARG B 489 -0.14 40.78 -15.38
CA ARG B 489 0.32 39.63 -14.61
C ARG B 489 -0.36 38.37 -15.11
N LEU B 490 0.44 37.38 -15.51
CA LEU B 490 -0.09 36.13 -16.04
C LEU B 490 -0.09 35.00 -15.03
N TYR B 491 0.44 35.23 -13.83
CA TYR B 491 0.52 34.20 -12.80
C TYR B 491 0.02 34.76 -11.48
N PRO B 492 -0.54 33.91 -10.62
CA PRO B 492 -1.03 34.38 -9.31
C PRO B 492 0.15 34.72 -8.41
N PRO B 493 -0.10 35.47 -7.33
CA PRO B 493 1.01 35.82 -6.41
C PRO B 493 1.60 34.57 -5.76
N LEU B 494 2.93 34.53 -5.67
CA LEU B 494 3.61 33.41 -5.04
C LEU B 494 3.28 33.30 -3.56
N SER B 495 2.85 34.40 -2.93
CA SER B 495 2.43 34.34 -1.54
C SER B 495 1.22 33.45 -1.31
N THR B 496 0.50 33.09 -2.37
CA THR B 496 -0.66 32.21 -2.25
C THR B 496 -0.35 30.78 -2.70
N ILE B 497 0.94 30.42 -2.77
CA ILE B 497 1.33 29.16 -3.39
C ILE B 497 0.76 27.96 -2.65
N ARG B 498 0.63 28.03 -1.32
CA ARG B 498 0.09 26.88 -0.60
C ARG B 498 -1.39 26.67 -0.94
N ASP B 499 -2.14 27.76 -1.09
CA ASP B 499 -3.54 27.63 -1.50
C ASP B 499 -3.64 27.17 -2.96
N VAL B 500 -2.76 27.67 -3.82
CA VAL B 500 -2.76 27.26 -5.22
C VAL B 500 -2.41 25.78 -5.34
N SER B 501 -1.36 25.35 -4.64
CA SER B 501 -0.97 23.94 -4.66
C SER B 501 -2.08 23.03 -4.12
N LEU B 502 -2.80 23.48 -3.09
CA LEU B 502 -3.90 22.68 -2.55
C LEU B 502 -5.01 22.50 -3.59
N ARG B 503 -5.38 23.58 -4.28
CA ARG B 503 -6.43 23.46 -5.29
C ARG B 503 -5.99 22.59 -6.47
N ILE B 504 -4.70 22.66 -6.82
CA ILE B 504 -4.17 21.78 -7.87
C ILE B 504 -4.22 20.32 -7.41
N ALA B 505 -3.78 20.05 -6.17
CA ALA B 505 -3.80 18.68 -5.66
C ALA B 505 -5.20 18.09 -5.70
N ILE B 506 -6.21 18.90 -5.37
CA ILE B 506 -7.59 18.41 -5.39
C ILE B 506 -8.02 18.10 -6.82
N LYS B 507 -7.73 19.02 -7.76
CA LYS B 507 -8.11 18.79 -9.15
C LYS B 507 -7.40 17.56 -9.72
N VAL B 508 -6.12 17.39 -9.37
CA VAL B 508 -5.36 16.24 -9.84
C VAL B 508 -5.94 14.96 -9.25
N LEU B 509 -6.29 14.99 -7.96
CA LEU B 509 -6.86 13.83 -7.31
C LEU B 509 -8.22 13.47 -7.91
N ASP B 510 -9.05 14.48 -8.17
CA ASP B 510 -10.33 14.23 -8.81
C ASP B 510 -10.15 13.61 -10.20
N TYR B 511 -9.23 14.16 -11.00
CA TYR B 511 -8.94 13.59 -12.32
C TYR B 511 -8.55 12.12 -12.21
N ALA B 512 -7.70 11.78 -11.22
CA ALA B 512 -7.19 10.42 -11.12
C ALA B 512 -8.29 9.43 -10.80
N TYR B 513 -9.19 9.76 -9.86
CA TYR B 513 -10.27 8.84 -9.54
C TYR B 513 -11.19 8.64 -10.73
N LYS B 514 -11.49 9.72 -11.47
CA LYS B 514 -12.36 9.58 -12.62
C LYS B 514 -11.72 8.72 -13.71
N HIS B 515 -10.40 8.74 -13.81
CA HIS B 515 -9.69 7.92 -14.79
C HIS B 515 -9.20 6.61 -14.21
N ASN B 516 -9.61 6.27 -12.98
CA ASN B 516 -9.23 5.01 -12.34
C ASN B 516 -7.71 4.87 -12.23
N LEU B 517 -7.03 5.99 -11.94
CA LEU B 517 -5.58 6.02 -11.78
C LEU B 517 -5.12 6.06 -10.33
N ALA B 518 -6.03 6.31 -9.38
CA ALA B 518 -5.66 6.44 -7.97
C ALA B 518 -5.72 5.08 -7.30
N SER B 519 -4.69 4.75 -6.53
CA SER B 519 -4.61 3.48 -5.82
C SER B 519 -5.27 3.50 -4.46
N TYR B 520 -5.39 4.69 -3.86
N TYR B 520 -5.43 4.66 -3.84
CA TYR B 520 -5.91 4.80 -2.50
CA TYR B 520 -5.84 4.65 -2.45
C TYR B 520 -7.42 4.57 -2.51
C TYR B 520 -7.36 4.69 -2.34
N TYR B 521 -7.89 3.74 -1.58
CA TYR B 521 -9.31 3.48 -1.44
C TYR B 521 -9.69 3.43 0.03
N PRO B 522 -10.94 3.75 0.38
CA PRO B 522 -12.01 4.16 -0.54
C PRO B 522 -11.79 5.57 -1.11
N GLU B 523 -12.40 5.87 -2.24
CA GLU B 523 -12.34 7.22 -2.78
C GLU B 523 -12.97 8.18 -1.79
N PRO B 524 -12.27 9.23 -1.35
CA PRO B 524 -12.89 10.17 -0.40
C PRO B 524 -14.02 10.94 -1.06
N LYS B 525 -15.10 11.13 -0.29
CA LYS B 525 -16.22 11.92 -0.80
C LYS B 525 -15.87 13.41 -0.81
N ASP B 526 -15.17 13.87 0.21
CA ASP B 526 -14.71 15.26 0.33
C ASP B 526 -13.21 15.28 0.05
N LYS B 527 -12.83 15.56 -1.20
CA LYS B 527 -11.42 15.52 -1.56
C LYS B 527 -10.64 16.66 -0.92
N GLU B 528 -11.27 17.82 -0.76
CA GLU B 528 -10.58 18.94 -0.12
C GLU B 528 -10.20 18.60 1.31
N ALA B 529 -11.16 18.11 2.10
CA ALA B 529 -10.87 17.71 3.47
C ALA B 529 -9.81 16.62 3.52
N PHE B 530 -9.88 15.67 2.59
CA PHE B 530 -8.91 14.58 2.57
C PHE B 530 -7.50 15.11 2.36
N VAL B 531 -7.32 15.97 1.35
CA VAL B 531 -5.97 16.48 1.06
C VAL B 531 -5.48 17.39 2.17
N ARG B 532 -6.37 18.22 2.72
CA ARG B 532 -6.01 19.09 3.85
C ARG B 532 -5.47 18.28 5.02
N SER B 533 -6.01 17.09 5.24
CA SER B 533 -5.55 16.27 6.36
C SER B 533 -4.14 15.74 6.16
N LEU B 534 -3.59 15.81 4.95
CA LEU B 534 -2.24 15.36 4.67
C LEU B 534 -1.24 16.51 4.54
N VAL B 535 -1.70 17.75 4.61
CA VAL B 535 -0.83 18.91 4.44
C VAL B 535 -0.01 19.12 5.71
N TYR B 536 1.31 19.14 5.55
CA TYR B 536 2.21 19.36 6.67
C TYR B 536 2.23 20.83 7.05
N THR B 537 2.08 21.11 8.35
CA THR B 537 2.16 22.46 8.90
C THR B 537 3.46 22.65 9.67
N PRO B 538 4.01 23.87 9.70
CA PRO B 538 5.15 24.15 10.59
C PRO B 538 4.82 24.11 12.07
N ASP B 539 3.55 23.94 12.44
CA ASP B 539 3.17 23.90 13.85
C ASP B 539 3.75 22.66 14.53
N TYR B 540 4.34 22.85 15.71
CA TYR B 540 4.78 21.72 16.52
C TYR B 540 3.59 20.84 16.89
N ASP B 541 3.81 19.53 16.89
CA ASP B 541 2.80 18.58 17.33
C ASP B 541 2.77 18.53 18.86
N SER B 542 2.08 17.54 19.42
CA SER B 542 1.96 17.43 20.87
C SER B 542 2.10 15.97 21.28
N PHE B 543 2.94 15.72 22.29
CA PHE B 543 3.15 14.37 22.82
C PHE B 543 2.16 14.12 23.95
N THR B 544 0.91 13.86 23.57
CA THR B 544 -0.11 13.48 24.54
C THR B 544 0.04 12.00 24.89
N LEU B 545 -0.39 11.65 26.10
CA LEU B 545 -0.20 10.29 26.60
C LEU B 545 -1.38 9.37 26.33
N ASP B 546 -2.54 9.92 25.97
CA ASP B 546 -3.76 9.13 25.70
C ASP B 546 -4.10 8.21 26.88
N SER B 547 -4.11 8.80 28.07
CA SER B 547 -4.48 8.06 29.27
C SER B 547 -5.99 8.03 29.42
N TYR B 548 -6.50 6.89 29.89
CA TYR B 548 -7.92 6.76 30.16
C TYR B 548 -8.12 5.63 31.17
N THR B 549 -9.32 5.59 31.73
CA THR B 549 -9.68 4.59 32.73
C THR B 549 -10.89 3.81 32.25
N TRP B 550 -11.10 2.65 32.86
CA TRP B 550 -12.32 1.89 32.63
C TRP B 550 -13.41 2.37 33.60
N PRO B 551 -14.68 2.06 33.34
CA PRO B 551 -15.72 2.40 34.31
C PRO B 551 -15.42 1.78 35.66
N LYS B 552 -15.84 2.49 36.73
CA LYS B 552 -15.50 2.08 38.09
C LYS B 552 -15.97 0.66 38.40
N GLU B 553 -17.16 0.28 37.91
CA GLU B 553 -17.65 -1.06 38.17
C GLU B 553 -16.83 -2.11 37.42
N ALA B 554 -16.41 -1.79 36.20
CA ALA B 554 -15.58 -2.71 35.44
C ALA B 554 -14.23 -2.91 36.14
N MET B 555 -13.60 -1.82 36.57
CA MET B 555 -12.29 -1.94 37.21
C MET B 555 -12.36 -2.70 38.53
N ASN B 556 -13.47 -2.57 39.26
CA ASN B 556 -13.62 -3.27 40.52
C ASN B 556 -13.79 -4.77 40.30
N VAL B 557 -14.58 -5.16 39.32
CA VAL B 557 -14.80 -6.59 39.11
C VAL B 557 -13.60 -7.26 38.45
N GLN B 558 -12.85 -6.51 37.62
CA GLN B 558 -11.70 -7.05 36.94
C GLN B 558 -10.43 -7.02 37.79
N THR B 559 -10.45 -6.34 38.93
CA THR B 559 -9.31 -6.33 39.84
C THR B 559 -9.54 -7.40 40.91
N VAL B 560 -8.68 -8.42 40.90
CA VAL B 560 -8.85 -9.60 41.75
C VAL B 560 -7.78 -9.57 42.83
N THR B 561 -8.23 -9.67 44.08
CA THR B 561 -7.35 -9.75 45.23
C THR B 561 -7.72 -10.97 46.05
N ARG B 562 -6.91 -11.25 47.07
CA ARG B 562 -7.25 -12.34 47.98
C ARG B 562 -8.55 -12.07 48.72
N GLU B 563 -8.92 -10.81 48.88
CA GLU B 563 -10.12 -10.48 49.64
C GLU B 563 -11.38 -10.73 48.83
N ASN B 564 -11.39 -10.41 47.53
CA ASN B 564 -12.58 -10.53 46.71
C ASN B 564 -12.51 -11.69 45.74
N LEU B 565 -11.56 -12.62 45.91
CA LEU B 565 -11.35 -13.68 44.94
C LEU B 565 -12.61 -14.53 44.76
N TYR B 566 -13.35 -14.76 45.84
CA TYR B 566 -14.49 -15.67 45.82
C TYR B 566 -15.83 -14.94 45.88
N PHE B 567 -15.85 -13.66 45.53
CA PHE B 567 -17.11 -12.93 45.45
C PHE B 567 -18.00 -13.52 44.36
N GLN B 568 -19.31 -13.44 44.58
CA GLN B 568 -20.27 -13.98 43.63
C GLN B 568 -21.12 -12.86 43.04
#